data_7D5Q
#
_entry.id   7D5Q
#
_cell.length_a   70.071
_cell.length_b   139.148
_cell.length_c   115.555
_cell.angle_alpha   90.00
_cell.angle_beta   105.66
_cell.angle_gamma   90.00
#
_symmetry.space_group_name_H-M   'P 1 21 1'
#
loop_
_entity.id
_entity.type
_entity.pdbx_description
1 polymer 'Drug transporter, putative'
2 polymer ICab
3 non-polymer 'ZINC ION'
#
loop_
_entity_poly.entity_id
_entity_poly.type
_entity_poly.pdbx_seq_one_letter_code
_entity_poly.pdbx_strand_id
1 'polypeptide(L)'
;MNETYRGGNKLILGIVLGVITFWLFAQSLVNVVPNLQQSFGTDMGTISIAVSLTALFSGMFVVGAGGLADKIGRVKMTNI
GLLLSIIGSALIIITNLPALLILGRVIQGVSAACIMPSTLAIMKTYYQGAERQRALSYWSIGSWGGSGICSLFGGAVATT
MGWRWIFIFSIIVAVLSMLLIKGTPETKSEITNTHKFDVAGLIVLVVMLLSLNVVITKGAALGYTSLWFFGLIAIVIVAF
FIFLNVEKKVDNPLIDFKLFENKPYTGATISNFLLNGVAGTLIVANTFVQQGLGYTALQAGYLSITYLIMVLLMIRVGEK
LLQKMGSKRPMLLGTFIVVIGIALISLVFLPGIFYVISCVVGYLCFGLGLGIYATPSTDTAISNAPLDKVGVASGIYAMA
SSLGGAFGVAISGAVYAGAVAATSIHTGAMIALWVNVLMGIMAFIAILFAIPNDDKRVKDAKGTLVPRGSGHHHHHHHH
;
A,B
2 'polypeptide(L)'
;QVQLEESGGGSVQAGGSLRLSCAASGYMYSTYSTYCMGWFRQAPGKEREGVAFIKRGDHSTYYTDSVKGRFTISQDSAKN
TVSLQMNNLKPEDTAIYYCAADFAHSFLLSVHSGAGQYSYWGQGTQVTVSS
;
C,D
#
# COMPACT_ATOMS: atom_id res chain seq x y z
N LEU A 11 -68.27 7.74 -11.17
CA LEU A 11 -67.40 7.01 -10.20
C LEU A 11 -67.15 5.58 -10.70
N ILE A 12 -66.95 5.41 -12.02
CA ILE A 12 -66.65 4.10 -12.68
C ILE A 12 -65.13 3.87 -12.62
N LEU A 13 -64.35 4.75 -13.27
CA LEU A 13 -62.87 4.73 -13.25
C LEU A 13 -62.37 5.35 -11.93
N GLY A 14 -62.99 6.45 -11.48
CA GLY A 14 -62.61 7.18 -10.26
C GLY A 14 -62.41 6.27 -9.07
N ILE A 15 -63.22 5.20 -8.97
CA ILE A 15 -63.13 4.15 -7.91
C ILE A 15 -62.02 3.16 -8.27
N VAL A 16 -62.03 2.65 -9.51
CA VAL A 16 -61.05 1.65 -10.03
C VAL A 16 -59.63 2.20 -9.86
N LEU A 17 -59.38 3.41 -10.39
CA LEU A 17 -58.05 4.10 -10.35
C LEU A 17 -57.55 4.18 -8.90
N GLY A 18 -58.40 4.60 -7.97
CA GLY A 18 -58.09 4.69 -6.53
C GLY A 18 -57.55 3.38 -5.98
N VAL A 19 -58.02 2.25 -6.50
CA VAL A 19 -57.59 0.87 -6.13
C VAL A 19 -56.25 0.56 -6.78
N ILE A 20 -56.05 1.00 -8.03
CA ILE A 20 -54.79 0.78 -8.81
C ILE A 20 -53.67 1.63 -8.19
N THR A 21 -54.00 2.85 -7.76
CA THR A 21 -53.05 3.83 -7.17
C THR A 21 -52.77 3.49 -5.70
N PHE A 22 -53.44 2.46 -5.16
CA PHE A 22 -53.10 1.80 -3.87
C PHE A 22 -51.86 0.92 -4.05
N TRP A 23 -51.60 0.50 -5.30
CA TRP A 23 -50.46 -0.34 -5.74
C TRP A 23 -49.33 0.54 -6.29
N LEU A 24 -49.54 1.86 -6.34
CA LEU A 24 -48.49 2.89 -6.56
C LEU A 24 -47.78 3.16 -5.22
N PHE A 25 -48.54 3.55 -4.20
CA PHE A 25 -48.05 3.98 -2.86
C PHE A 25 -47.39 2.79 -2.14
N ALA A 26 -47.70 1.57 -2.57
CA ALA A 26 -47.03 0.32 -2.13
C ALA A 26 -45.63 0.25 -2.73
N GLN A 27 -45.50 0.54 -4.03
CA GLN A 27 -44.26 0.38 -4.84
C GLN A 27 -43.50 1.71 -4.94
N SER A 28 -43.74 2.64 -4.01
CA SER A 28 -42.99 3.92 -3.88
C SER A 28 -41.89 3.76 -2.83
N LEU A 29 -42.20 3.08 -1.72
CA LEU A 29 -41.29 2.83 -0.56
C LEU A 29 -40.07 2.01 -1.01
N VAL A 30 -40.19 1.25 -2.10
CA VAL A 30 -39.12 0.38 -2.68
C VAL A 30 -37.87 1.23 -3.00
N ASN A 31 -38.02 2.51 -3.38
CA ASN A 31 -36.89 3.38 -3.75
C ASN A 31 -36.65 4.39 -2.63
N VAL A 32 -37.09 4.05 -1.45
CA VAL A 32 -36.85 4.84 -0.22
C VAL A 32 -36.46 3.77 0.77
N VAL A 33 -35.61 2.85 0.36
CA VAL A 33 -35.34 1.75 1.31
C VAL A 33 -34.44 2.17 2.47
N PRO A 34 -33.33 3.19 2.41
CA PRO A 34 -32.43 3.79 3.40
C PRO A 34 -33.12 4.57 4.54
N ASN A 35 -34.22 5.26 4.26
CA ASN A 35 -35.01 6.01 5.28
C ASN A 35 -35.68 5.00 6.23
N LEU A 36 -36.20 3.91 5.67
CA LEU A 36 -36.79 2.77 6.41
C LEU A 36 -35.70 2.06 7.24
N GLN A 37 -34.48 1.99 6.72
CA GLN A 37 -33.30 1.37 7.38
C GLN A 37 -33.16 1.92 8.81
N GLN A 38 -33.32 3.23 8.98
CA GLN A 38 -33.20 3.95 10.28
C GLN A 38 -34.36 3.56 11.21
N SER A 39 -35.60 3.79 10.77
CA SER A 39 -36.84 3.67 11.58
C SER A 39 -37.06 2.22 12.04
N PHE A 40 -37.24 1.29 11.10
CA PHE A 40 -37.51 -0.15 11.36
C PHE A 40 -36.26 -0.84 11.92
N GLY A 41 -35.09 -0.20 11.80
CA GLY A 41 -33.86 -0.55 12.53
C GLY A 41 -33.01 -1.59 11.82
N THR A 42 -33.54 -2.80 11.64
CA THR A 42 -32.83 -4.00 11.09
C THR A 42 -32.05 -3.60 9.82
N ASP A 43 -30.89 -4.23 9.62
CA ASP A 43 -29.93 -3.95 8.51
C ASP A 43 -30.60 -4.13 7.16
N MET A 44 -30.00 -3.55 6.11
CA MET A 44 -30.44 -3.71 4.69
C MET A 44 -30.24 -5.17 4.25
N GLY A 45 -30.86 -5.55 3.14
CA GLY A 45 -30.90 -6.95 2.65
C GLY A 45 -32.10 -7.68 3.22
N THR A 46 -32.28 -7.61 4.54
CA THR A 46 -33.46 -8.15 5.29
C THR A 46 -34.60 -7.13 5.25
N ILE A 47 -34.30 -5.84 5.42
CA ILE A 47 -35.31 -4.75 5.44
C ILE A 47 -35.73 -4.40 4.00
N SER A 48 -34.88 -4.74 3.02
CA SER A 48 -35.14 -4.51 1.57
C SER A 48 -36.02 -5.63 1.01
N ILE A 49 -35.62 -6.89 1.20
CA ILE A 49 -36.38 -8.10 0.77
C ILE A 49 -37.78 -8.05 1.40
N ALA A 50 -37.90 -7.49 2.61
CA ALA A 50 -39.18 -7.25 3.32
C ALA A 50 -40.15 -6.49 2.38
N VAL A 51 -39.64 -5.44 1.72
CA VAL A 51 -40.43 -4.55 0.81
C VAL A 51 -40.73 -5.32 -0.49
N SER A 52 -39.79 -6.17 -0.93
CA SER A 52 -39.89 -6.96 -2.19
C SER A 52 -41.12 -7.88 -2.16
N LEU A 53 -41.45 -8.37 -0.96
CA LEU A 53 -42.56 -9.32 -0.72
C LEU A 53 -43.86 -8.81 -1.30
N THR A 54 -44.02 -7.50 -1.38
CA THR A 54 -45.32 -6.97 -1.88
C THR A 54 -45.60 -7.44 -3.29
N ALA A 55 -44.60 -7.48 -4.17
CA ALA A 55 -44.92 -7.88 -5.55
C ALA A 55 -44.86 -9.39 -5.63
N LEU A 56 -43.80 -9.95 -5.05
CA LEU A 56 -43.53 -11.41 -4.97
C LEU A 56 -44.86 -12.15 -4.76
N PHE A 57 -45.59 -11.80 -3.69
CA PHE A 57 -46.86 -12.44 -3.28
C PHE A 57 -47.99 -12.03 -4.25
N SER A 58 -47.96 -10.80 -4.74
CA SER A 58 -48.97 -10.25 -5.68
C SER A 58 -49.00 -11.10 -6.96
N GLY A 59 -47.85 -11.25 -7.63
CA GLY A 59 -47.72 -11.92 -8.94
C GLY A 59 -48.10 -13.39 -8.89
N MET A 60 -47.92 -14.05 -7.75
CA MET A 60 -48.19 -15.51 -7.57
C MET A 60 -49.66 -15.74 -7.20
N PHE A 61 -50.27 -14.82 -6.44
CA PHE A 61 -51.66 -14.92 -5.91
C PHE A 61 -52.67 -14.31 -6.89
N VAL A 62 -52.22 -13.46 -7.82
CA VAL A 62 -53.09 -12.67 -8.75
C VAL A 62 -54.11 -13.61 -9.42
N VAL A 63 -53.68 -14.81 -9.81
CA VAL A 63 -54.53 -15.81 -10.53
C VAL A 63 -55.56 -16.37 -9.54
N GLY A 64 -55.10 -16.84 -8.38
CA GLY A 64 -55.94 -17.39 -7.29
C GLY A 64 -56.92 -16.37 -6.75
N ALA A 65 -56.42 -15.20 -6.35
CA ALA A 65 -57.20 -14.04 -5.86
C ALA A 65 -58.14 -13.55 -6.96
N GLY A 66 -57.75 -13.75 -8.23
CA GLY A 66 -58.60 -13.51 -9.41
C GLY A 66 -59.71 -14.55 -9.51
N GLY A 67 -59.41 -15.81 -9.18
CA GLY A 67 -60.36 -16.94 -9.20
C GLY A 67 -61.35 -16.90 -8.06
N LEU A 68 -60.91 -16.50 -6.86
CA LEU A 68 -61.76 -16.35 -5.64
C LEU A 68 -62.57 -15.05 -5.74
N ALA A 69 -62.19 -14.14 -6.64
CA ALA A 69 -62.99 -12.96 -7.07
C ALA A 69 -63.97 -13.40 -8.16
N ASP A 70 -63.55 -14.30 -9.04
CA ASP A 70 -64.37 -14.90 -10.13
C ASP A 70 -65.57 -15.63 -9.52
N LYS A 71 -65.34 -16.40 -8.46
CA LYS A 71 -66.37 -17.23 -7.77
C LYS A 71 -67.19 -16.36 -6.81
N ILE A 72 -66.60 -15.95 -5.68
CA ILE A 72 -67.31 -15.33 -4.53
C ILE A 72 -67.30 -13.80 -4.67
N GLY A 73 -67.92 -13.27 -5.74
CA GLY A 73 -68.17 -11.83 -5.94
C GLY A 73 -66.93 -11.09 -6.46
N ARG A 74 -67.08 -10.34 -7.55
CA ARG A 74 -66.00 -9.50 -8.15
C ARG A 74 -65.74 -8.31 -7.22
N VAL A 75 -66.75 -7.46 -7.02
CA VAL A 75 -66.68 -6.20 -6.21
C VAL A 75 -66.52 -6.58 -4.73
N LYS A 76 -66.91 -7.81 -4.36
CA LYS A 76 -66.65 -8.41 -3.02
C LYS A 76 -65.15 -8.40 -2.73
N MET A 77 -64.33 -8.83 -3.71
CA MET A 77 -62.86 -8.96 -3.57
C MET A 77 -62.18 -7.58 -3.73
N THR A 78 -62.75 -6.69 -4.55
CA THR A 78 -62.31 -5.27 -4.68
C THR A 78 -62.62 -4.52 -3.38
N ASN A 79 -63.69 -4.91 -2.68
CA ASN A 79 -64.05 -4.42 -1.32
C ASN A 79 -63.02 -4.95 -0.31
N ILE A 80 -62.63 -6.23 -0.43
CA ILE A 80 -61.58 -6.89 0.40
C ILE A 80 -60.24 -6.17 0.17
N GLY A 81 -59.76 -6.15 -1.09
CA GLY A 81 -58.48 -5.54 -1.49
C GLY A 81 -58.31 -4.14 -0.94
N LEU A 82 -59.29 -3.26 -1.18
CA LEU A 82 -59.28 -1.83 -0.74
C LEU A 82 -59.28 -1.76 0.80
N LEU A 83 -59.99 -2.68 1.46
CA LEU A 83 -60.03 -2.81 2.94
C LEU A 83 -58.71 -3.41 3.43
N LEU A 84 -58.17 -4.40 2.69
CA LEU A 84 -56.90 -5.11 3.00
C LEU A 84 -55.71 -4.18 2.77
N SER A 85 -55.90 -3.11 1.97
CA SER A 85 -54.89 -2.06 1.70
C SER A 85 -54.82 -1.07 2.87
N ILE A 86 -55.87 -0.98 3.69
CA ILE A 86 -55.93 -0.10 4.89
C ILE A 86 -55.03 -0.72 5.98
N ILE A 87 -55.30 -1.98 6.34
CA ILE A 87 -54.50 -2.79 7.31
C ILE A 87 -53.07 -2.96 6.74
N GLY A 88 -52.93 -3.14 5.43
CA GLY A 88 -51.64 -3.27 4.73
C GLY A 88 -50.72 -2.08 5.01
N SER A 89 -51.30 -0.88 5.07
CA SER A 89 -50.58 0.42 5.25
C SER A 89 -50.53 0.81 6.73
N ALA A 90 -51.69 0.84 7.39
CA ALA A 90 -51.86 1.22 8.82
C ALA A 90 -50.94 0.39 9.71
N LEU A 91 -50.81 -0.90 9.43
CA LEU A 91 -49.97 -1.88 10.18
C LEU A 91 -48.50 -1.46 10.13
N ILE A 92 -48.05 -0.89 9.00
CA ILE A 92 -46.64 -0.49 8.74
C ILE A 92 -46.38 0.90 9.32
N ILE A 93 -47.17 1.90 8.88
CA ILE A 93 -47.00 3.35 9.19
C ILE A 93 -46.99 3.56 10.72
N ILE A 94 -47.87 2.86 11.45
CA ILE A 94 -48.11 3.06 12.91
C ILE A 94 -46.90 2.54 13.70
N THR A 95 -46.66 1.24 13.65
CA THR A 95 -45.62 0.52 14.45
C THR A 95 -44.33 0.39 13.63
N ASN A 96 -43.21 0.85 14.19
CA ASN A 96 -41.86 0.85 13.54
C ASN A 96 -40.98 -0.23 14.18
N LEU A 97 -41.06 -1.46 13.67
CA LEU A 97 -40.29 -2.64 14.14
C LEU A 97 -40.21 -3.64 12.98
N PRO A 98 -39.17 -4.49 12.84
CA PRO A 98 -39.04 -5.35 11.66
C PRO A 98 -39.96 -6.55 11.39
N ALA A 99 -40.15 -7.44 12.37
CA ALA A 99 -40.95 -8.65 12.09
C ALA A 99 -42.36 -8.20 11.74
N LEU A 100 -42.67 -6.96 12.11
CA LEU A 100 -43.93 -6.27 11.77
C LEU A 100 -43.98 -6.00 10.27
N LEU A 101 -42.97 -5.32 9.73
CA LEU A 101 -42.92 -4.83 8.32
C LEU A 101 -43.26 -5.96 7.35
N ILE A 102 -42.60 -7.12 7.51
CA ILE A 102 -42.76 -8.31 6.64
C ILE A 102 -44.26 -8.64 6.51
N LEU A 103 -44.95 -8.79 7.64
CA LEU A 103 -46.38 -9.23 7.72
C LEU A 103 -47.29 -8.22 7.01
N GLY A 104 -46.93 -6.94 6.98
CA GLY A 104 -47.71 -5.86 6.35
C GLY A 104 -47.49 -5.79 4.85
N ARG A 105 -46.27 -6.11 4.39
CA ARG A 105 -45.89 -6.05 2.94
C ARG A 105 -46.49 -7.26 2.21
N VAL A 106 -46.63 -8.40 2.88
CA VAL A 106 -47.16 -9.67 2.28
C VAL A 106 -48.65 -9.47 1.96
N ILE A 107 -49.39 -8.78 2.84
CA ILE A 107 -50.86 -8.51 2.68
C ILE A 107 -51.06 -7.33 1.73
N GLN A 108 -50.11 -6.37 1.71
CA GLN A 108 -50.04 -5.27 0.71
C GLN A 108 -49.94 -5.88 -0.70
N GLY A 109 -49.33 -7.06 -0.81
CA GLY A 109 -49.18 -7.82 -2.07
C GLY A 109 -50.45 -8.53 -2.46
N VAL A 110 -51.11 -9.22 -1.51
CA VAL A 110 -52.39 -9.95 -1.72
C VAL A 110 -53.49 -8.93 -2.03
N SER A 111 -53.42 -7.74 -1.43
CA SER A 111 -54.31 -6.57 -1.71
C SER A 111 -54.41 -6.37 -3.24
N ALA A 112 -53.26 -6.26 -3.90
CA ALA A 112 -53.15 -6.06 -5.37
C ALA A 112 -53.67 -7.29 -6.11
N ALA A 113 -53.33 -8.50 -5.62
CA ALA A 113 -53.74 -9.81 -6.19
C ALA A 113 -55.26 -9.86 -6.30
N CYS A 114 -55.97 -9.30 -5.31
CA CYS A 114 -57.45 -9.20 -5.26
C CYS A 114 -57.95 -8.15 -6.25
N ILE A 115 -57.35 -6.95 -6.22
CA ILE A 115 -57.82 -5.75 -6.97
C ILE A 115 -57.66 -5.97 -8.48
N MET A 116 -56.41 -6.08 -8.96
CA MET A 116 -56.05 -6.01 -10.41
C MET A 116 -57.04 -6.84 -11.24
N PRO A 117 -57.26 -8.14 -10.96
CA PRO A 117 -58.12 -8.97 -11.81
C PRO A 117 -59.61 -8.63 -11.69
N SER A 118 -60.09 -8.47 -10.45
CA SER A 118 -61.52 -8.20 -10.11
C SER A 118 -61.97 -6.87 -10.71
N THR A 119 -61.26 -5.77 -10.39
CA THR A 119 -61.56 -4.39 -10.88
C THR A 119 -61.47 -4.36 -12.41
N LEU A 120 -60.62 -5.22 -13.01
CA LEU A 120 -60.47 -5.40 -14.47
C LEU A 120 -61.75 -6.03 -15.05
N ALA A 121 -62.40 -6.91 -14.29
CA ALA A 121 -63.66 -7.61 -14.67
C ALA A 121 -64.85 -6.64 -14.62
N ILE A 122 -64.89 -5.76 -13.62
CA ILE A 122 -65.93 -4.71 -13.44
C ILE A 122 -65.97 -3.84 -14.72
N MET A 123 -64.82 -3.60 -15.35
CA MET A 123 -64.69 -2.79 -16.60
C MET A 123 -65.54 -3.43 -17.70
N LYS A 124 -65.61 -4.76 -17.73
CA LYS A 124 -66.37 -5.56 -18.74
C LYS A 124 -67.87 -5.40 -18.51
N THR A 125 -68.31 -5.47 -17.25
CA THR A 125 -69.73 -5.30 -16.81
C THR A 125 -70.16 -3.84 -17.05
N TYR A 126 -69.45 -2.89 -16.42
CA TYR A 126 -69.74 -1.43 -16.42
C TYR A 126 -69.91 -0.92 -17.85
N TYR A 127 -69.00 -1.31 -18.75
CA TYR A 127 -68.89 -0.80 -20.15
C TYR A 127 -69.71 -1.69 -21.10
N GLN A 128 -69.25 -2.92 -21.32
CA GLN A 128 -69.88 -3.92 -22.22
C GLN A 128 -69.82 -3.42 -23.68
N GLY A 129 -68.60 -3.08 -24.16
CA GLY A 129 -68.34 -2.62 -25.53
C GLY A 129 -68.50 -1.12 -25.69
N ALA A 130 -67.62 -0.49 -26.47
CA ALA A 130 -67.62 0.96 -26.80
C ALA A 130 -67.18 1.78 -25.59
N GLU A 131 -67.81 1.57 -24.43
CA GLU A 131 -67.43 2.19 -23.12
C GLU A 131 -66.18 1.50 -22.57
N ARG A 132 -65.98 0.21 -22.88
CA ARG A 132 -64.78 -0.60 -22.47
C ARG A 132 -63.50 0.08 -22.96
N GLN A 133 -63.57 0.72 -24.13
CA GLN A 133 -62.42 1.44 -24.76
C GLN A 133 -61.96 2.57 -23.82
N ARG A 134 -62.91 3.35 -23.30
CA ARG A 134 -62.66 4.51 -22.41
C ARG A 134 -62.34 4.03 -20.98
N ALA A 135 -62.83 2.86 -20.60
CA ALA A 135 -62.66 2.26 -19.25
C ALA A 135 -61.24 1.73 -19.07
N LEU A 136 -60.81 0.83 -19.97
CA LEU A 136 -59.49 0.14 -19.92
C LEU A 136 -58.36 1.14 -20.21
N SER A 137 -58.65 2.22 -20.94
CA SER A 137 -57.72 3.35 -21.21
C SER A 137 -57.47 4.12 -19.91
N TYR A 138 -58.53 4.34 -19.11
CA TYR A 138 -58.47 5.00 -17.78
C TYR A 138 -57.73 4.08 -16.80
N TRP A 139 -57.90 2.76 -16.94
CA TRP A 139 -57.20 1.72 -16.14
C TRP A 139 -55.69 1.77 -16.43
N SER A 140 -55.32 1.87 -17.71
CA SER A 140 -53.91 1.97 -18.19
C SER A 140 -53.25 3.23 -17.60
N ILE A 141 -53.92 4.38 -17.67
CA ILE A 141 -53.46 5.67 -17.08
C ILE A 141 -53.18 5.45 -15.59
N GLY A 142 -54.08 4.75 -14.90
CA GLY A 142 -53.98 4.45 -13.45
C GLY A 142 -52.77 3.60 -13.12
N SER A 143 -52.39 2.69 -14.02
CA SER A 143 -51.25 1.76 -13.86
C SER A 143 -49.96 2.42 -14.38
N TRP A 144 -49.82 2.58 -15.70
CA TRP A 144 -48.62 3.15 -16.38
C TRP A 144 -48.17 4.42 -15.66
N GLY A 145 -49.03 5.43 -15.63
CA GLY A 145 -48.77 6.76 -15.02
C GLY A 145 -48.43 6.63 -13.55
N GLY A 146 -49.11 5.73 -12.84
CA GLY A 146 -48.90 5.48 -11.39
C GLY A 146 -47.50 4.94 -11.11
N SER A 147 -47.18 3.77 -11.66
CA SER A 147 -45.85 3.10 -11.57
C SER A 147 -44.76 4.02 -12.15
N GLY A 148 -45.10 4.78 -13.19
CA GLY A 148 -44.19 5.68 -13.93
C GLY A 148 -43.54 6.72 -13.04
N ILE A 149 -44.23 7.17 -11.99
CA ILE A 149 -43.76 8.26 -11.08
C ILE A 149 -43.40 7.69 -9.69
N CYS A 150 -43.86 6.48 -9.36
CA CYS A 150 -43.83 5.89 -8.00
C CYS A 150 -42.47 6.10 -7.32
N SER A 151 -41.38 5.89 -8.06
CA SER A 151 -39.98 6.10 -7.59
C SER A 151 -39.72 7.58 -7.35
N LEU A 152 -40.08 8.42 -8.34
CA LEU A 152 -39.92 9.90 -8.32
C LEU A 152 -40.85 10.50 -7.25
N PHE A 153 -41.98 9.84 -6.99
CA PHE A 153 -42.96 10.22 -5.94
C PHE A 153 -42.36 9.93 -4.56
N GLY A 154 -42.16 8.65 -4.24
CA GLY A 154 -41.69 8.16 -2.93
C GLY A 154 -40.52 8.97 -2.40
N GLY A 155 -39.57 9.33 -3.27
CA GLY A 155 -38.40 10.16 -2.94
C GLY A 155 -38.80 11.55 -2.50
N ALA A 156 -39.61 12.25 -3.29
CA ALA A 156 -40.11 13.62 -3.04
C ALA A 156 -40.84 13.65 -1.68
N VAL A 157 -41.58 12.58 -1.36
CA VAL A 157 -42.37 12.45 -0.10
C VAL A 157 -41.40 12.22 1.07
N ALA A 158 -40.48 11.28 0.94
CA ALA A 158 -39.54 10.94 2.03
C ALA A 158 -38.62 12.11 2.34
N THR A 159 -38.14 12.83 1.33
CA THR A 159 -37.22 13.95 1.67
C THR A 159 -37.94 15.02 2.49
N THR A 160 -39.15 15.44 2.09
CA THR A 160 -39.83 16.57 2.80
C THR A 160 -40.85 16.09 3.85
N MET A 161 -41.78 15.22 3.49
CA MET A 161 -42.78 14.81 4.50
C MET A 161 -42.18 13.72 5.39
N GLY A 162 -41.96 12.54 4.81
CA GLY A 162 -41.35 11.39 5.49
C GLY A 162 -41.74 10.07 4.82
N TRP A 163 -41.08 8.98 5.22
CA TRP A 163 -41.27 7.61 4.65
C TRP A 163 -42.67 7.10 5.00
N ARG A 164 -43.19 7.48 6.18
CA ARG A 164 -44.51 7.06 6.71
C ARG A 164 -45.64 7.88 6.07
N TRP A 165 -45.33 9.08 5.56
CA TRP A 165 -46.31 10.03 4.97
C TRP A 165 -46.68 9.63 3.53
N ILE A 166 -46.06 8.58 3.00
CA ILE A 166 -46.42 7.96 1.69
C ILE A 166 -47.48 6.87 1.91
N PHE A 167 -47.65 6.43 3.16
CA PHE A 167 -48.57 5.33 3.58
C PHE A 167 -49.84 5.91 4.24
N ILE A 168 -49.84 7.19 4.60
CA ILE A 168 -51.05 7.93 5.07
C ILE A 168 -51.91 8.28 3.85
N PHE A 169 -51.28 8.40 2.68
CA PHE A 169 -51.94 8.65 1.37
C PHE A 169 -52.56 7.34 0.82
N SER A 170 -52.10 6.18 1.32
CA SER A 170 -52.52 4.84 0.88
C SER A 170 -53.91 4.49 1.44
N ILE A 171 -54.14 4.79 2.74
CA ILE A 171 -55.40 4.43 3.46
C ILE A 171 -56.55 5.33 2.98
N ILE A 172 -56.30 6.62 2.79
CA ILE A 172 -57.34 7.64 2.48
C ILE A 172 -57.83 7.46 1.03
N VAL A 173 -56.93 7.13 0.11
CA VAL A 173 -57.25 6.90 -1.34
C VAL A 173 -57.96 5.54 -1.48
N ALA A 174 -57.60 4.57 -0.63
CA ALA A 174 -58.23 3.22 -0.57
C ALA A 174 -59.66 3.32 -0.03
N VAL A 175 -59.91 4.28 0.88
CA VAL A 175 -61.26 4.58 1.45
C VAL A 175 -62.06 5.38 0.41
N LEU A 176 -61.44 6.39 -0.20
CA LEU A 176 -62.06 7.28 -1.23
C LEU A 176 -62.34 6.50 -2.52
N SER A 177 -61.80 5.28 -2.65
CA SER A 177 -62.13 4.31 -3.73
C SER A 177 -63.47 3.62 -3.39
N MET A 178 -63.61 3.14 -2.15
CA MET A 178 -64.83 2.45 -1.64
C MET A 178 -65.94 3.48 -1.38
N LEU A 179 -65.56 4.72 -1.06
CA LEU A 179 -66.49 5.85 -0.79
C LEU A 179 -66.89 6.54 -2.11
N LEU A 180 -66.22 6.22 -3.22
CA LEU A 180 -66.56 6.69 -4.59
C LEU A 180 -67.01 5.50 -5.44
N ILE A 181 -67.78 4.57 -4.85
CA ILE A 181 -68.38 3.39 -5.53
C ILE A 181 -69.53 2.84 -4.66
N VAL A 199 -59.35 -24.03 -3.34
CA VAL A 199 -57.87 -24.22 -3.37
C VAL A 199 -57.54 -25.42 -4.27
N ALA A 200 -57.94 -25.34 -5.54
CA ALA A 200 -57.85 -26.43 -6.55
C ALA A 200 -56.45 -26.47 -7.17
N GLY A 201 -55.41 -26.50 -6.34
CA GLY A 201 -53.99 -26.58 -6.75
C GLY A 201 -53.33 -25.21 -6.78
N LEU A 202 -54.03 -24.18 -6.30
CA LEU A 202 -53.51 -22.80 -6.11
C LEU A 202 -52.17 -22.86 -5.36
N ILE A 203 -52.07 -23.74 -4.35
CA ILE A 203 -50.87 -23.88 -3.46
C ILE A 203 -49.69 -24.45 -4.24
N VAL A 204 -49.94 -25.21 -5.31
CA VAL A 204 -48.87 -25.79 -6.19
C VAL A 204 -48.67 -24.92 -7.43
N LEU A 205 -49.39 -23.80 -7.53
CA LEU A 205 -49.15 -22.72 -8.53
C LEU A 205 -48.29 -21.62 -7.89
N VAL A 206 -48.61 -21.24 -6.65
CA VAL A 206 -47.87 -20.18 -5.88
C VAL A 206 -46.47 -20.68 -5.56
N VAL A 207 -46.32 -21.97 -5.27
CA VAL A 207 -45.00 -22.64 -5.02
C VAL A 207 -44.18 -22.64 -6.32
N MET A 208 -44.85 -22.77 -7.47
CA MET A 208 -44.22 -22.64 -8.81
C MET A 208 -43.78 -21.18 -9.03
N LEU A 209 -44.70 -20.23 -8.81
CA LEU A 209 -44.51 -18.79 -9.12
C LEU A 209 -43.58 -18.14 -8.09
N LEU A 210 -43.64 -18.56 -6.82
CA LEU A 210 -42.66 -18.14 -5.78
C LEU A 210 -41.25 -18.45 -6.27
N SER A 211 -41.02 -19.69 -6.70
CA SER A 211 -39.74 -20.20 -7.26
C SER A 211 -39.38 -19.43 -8.53
N LEU A 212 -40.32 -19.34 -9.48
CA LEU A 212 -40.12 -18.70 -10.82
C LEU A 212 -39.75 -17.23 -10.63
N ASN A 213 -40.39 -16.53 -9.67
CA ASN A 213 -40.16 -15.09 -9.38
C ASN A 213 -38.74 -14.90 -8.85
N VAL A 214 -38.29 -15.75 -7.92
CA VAL A 214 -36.96 -15.63 -7.26
C VAL A 214 -35.86 -16.22 -8.16
N VAL A 215 -36.23 -16.98 -9.19
CA VAL A 215 -35.28 -17.51 -10.22
C VAL A 215 -34.72 -16.34 -11.03
N ILE A 216 -35.58 -15.37 -11.39
CA ILE A 216 -35.21 -14.12 -12.13
C ILE A 216 -34.14 -13.38 -11.31
N THR A 217 -34.34 -13.25 -9.99
CA THR A 217 -33.35 -12.69 -9.04
C THR A 217 -32.20 -13.71 -8.86
N LYS A 218 -31.31 -13.78 -9.85
CA LYS A 218 -30.22 -14.80 -9.95
C LYS A 218 -29.00 -14.31 -9.15
N GLY A 219 -28.88 -14.77 -7.90
CA GLY A 219 -27.69 -14.55 -7.04
C GLY A 219 -26.91 -15.83 -6.86
N ALA A 220 -26.61 -16.52 -7.97
CA ALA A 220 -25.87 -17.81 -8.01
C ALA A 220 -25.31 -18.03 -9.42
N LEU A 227 -25.28 -22.17 -9.37
CA LEU A 227 -24.90 -23.31 -8.50
C LEU A 227 -26.13 -23.82 -7.73
N TRP A 228 -26.83 -22.91 -7.04
CA TRP A 228 -27.99 -23.22 -6.16
C TRP A 228 -29.32 -22.91 -6.88
N PHE A 229 -29.29 -22.07 -7.92
CA PHE A 229 -30.48 -21.65 -8.70
C PHE A 229 -30.88 -22.74 -9.70
N PHE A 230 -29.97 -23.67 -10.01
CA PHE A 230 -30.20 -24.83 -10.91
C PHE A 230 -31.34 -25.69 -10.37
N GLY A 231 -31.33 -25.95 -9.05
CA GLY A 231 -32.37 -26.71 -8.34
C GLY A 231 -33.63 -25.91 -8.12
N LEU A 232 -33.53 -24.58 -8.14
CA LEU A 232 -34.67 -23.63 -7.95
C LEU A 232 -35.45 -23.50 -9.27
N ILE A 233 -34.86 -23.92 -10.40
CA ILE A 233 -35.52 -24.00 -11.73
C ILE A 233 -36.28 -25.34 -11.83
N ALA A 234 -35.83 -26.35 -11.08
CA ALA A 234 -36.47 -27.69 -11.01
C ALA A 234 -37.85 -27.56 -10.35
N ILE A 235 -37.92 -26.95 -9.17
CA ILE A 235 -39.17 -26.75 -8.37
C ILE A 235 -40.21 -25.99 -9.20
N VAL A 236 -39.77 -25.16 -10.16
CA VAL A 236 -40.66 -24.45 -11.14
C VAL A 236 -41.21 -25.48 -12.12
N ILE A 237 -40.33 -26.26 -12.77
CA ILE A 237 -40.68 -27.30 -13.78
C ILE A 237 -41.53 -28.38 -13.12
N VAL A 238 -41.20 -28.71 -11.88
CA VAL A 238 -41.93 -29.76 -11.12
C VAL A 238 -43.36 -29.27 -10.89
N ALA A 239 -43.51 -28.26 -10.05
CA ALA A 239 -44.81 -27.71 -9.60
C ALA A 239 -45.65 -27.22 -10.79
N PHE A 240 -45.02 -27.02 -11.96
CA PHE A 240 -45.70 -26.67 -13.24
C PHE A 240 -46.47 -27.88 -13.77
N PHE A 241 -45.78 -29.02 -13.93
CA PHE A 241 -46.33 -30.27 -14.52
C PHE A 241 -47.34 -30.92 -13.55
N ILE A 242 -47.18 -30.69 -12.24
CA ILE A 242 -48.13 -31.17 -11.19
C ILE A 242 -49.44 -30.36 -11.30
N PHE A 243 -49.33 -29.04 -11.51
CA PHE A 243 -50.48 -28.12 -11.72
C PHE A 243 -51.06 -28.32 -13.13
N LEU A 244 -50.21 -28.68 -14.09
CA LEU A 244 -50.61 -29.00 -15.50
C LEU A 244 -51.51 -30.25 -15.50
N ASN A 245 -51.19 -31.24 -14.65
CA ASN A 245 -52.00 -32.47 -14.44
C ASN A 245 -52.71 -32.36 -13.08
N VAL A 246 -53.52 -31.31 -12.91
CA VAL A 246 -54.33 -31.04 -11.68
C VAL A 246 -55.20 -29.80 -11.92
N LEU A 259 -59.35 -24.37 -18.44
CA LEU A 259 -57.98 -24.34 -19.03
C LEU A 259 -58.02 -24.99 -20.42
N PHE A 260 -58.75 -24.38 -21.36
CA PHE A 260 -58.89 -24.82 -22.78
C PHE A 260 -59.10 -23.60 -23.67
N GLU A 261 -58.15 -22.65 -23.61
CA GLU A 261 -58.22 -21.34 -24.32
C GLU A 261 -57.62 -21.47 -25.72
N ASN A 262 -58.44 -21.26 -26.75
CA ASN A 262 -58.04 -21.23 -28.19
C ASN A 262 -58.70 -20.02 -28.85
N LYS A 263 -58.47 -18.82 -28.26
CA LYS A 263 -59.10 -17.54 -28.66
C LYS A 263 -57.99 -16.53 -29.02
N PRO A 264 -58.34 -15.37 -29.61
CA PRO A 264 -57.38 -14.28 -29.77
C PRO A 264 -56.87 -13.72 -28.42
N TYR A 265 -57.62 -13.90 -27.34
CA TYR A 265 -57.24 -13.60 -25.94
C TYR A 265 -55.87 -14.23 -25.63
N THR A 266 -55.69 -15.49 -26.05
CA THR A 266 -54.42 -16.26 -25.93
C THR A 266 -53.31 -15.51 -26.67
N GLY A 267 -53.58 -15.08 -27.91
CA GLY A 267 -52.65 -14.30 -28.75
C GLY A 267 -52.25 -12.99 -28.09
N ALA A 268 -53.21 -12.29 -27.47
CA ALA A 268 -53.02 -10.99 -26.77
C ALA A 268 -52.11 -11.18 -25.56
N THR A 269 -52.35 -12.23 -24.76
CA THR A 269 -51.62 -12.53 -23.50
C THR A 269 -50.17 -12.93 -23.82
N ILE A 270 -49.97 -13.76 -24.84
CA ILE A 270 -48.63 -14.27 -25.27
C ILE A 270 -47.83 -13.12 -25.89
N SER A 271 -48.49 -12.22 -26.63
CA SER A 271 -47.87 -11.01 -27.24
C SER A 271 -47.53 -9.99 -26.15
N ASN A 272 -48.48 -9.76 -25.21
CA ASN A 272 -48.33 -8.82 -24.07
C ASN A 272 -47.11 -9.21 -23.24
N PHE A 273 -46.87 -10.51 -23.06
CA PHE A 273 -45.67 -11.07 -22.37
C PHE A 273 -44.41 -10.67 -23.14
N LEU A 274 -44.34 -11.08 -24.41
CA LEU A 274 -43.17 -10.83 -25.32
C LEU A 274 -42.88 -9.33 -25.38
N LEU A 275 -43.93 -8.50 -25.55
CA LEU A 275 -43.82 -7.03 -25.72
C LEU A 275 -43.17 -6.41 -24.47
N ASN A 276 -43.59 -6.85 -23.27
CA ASN A 276 -43.11 -6.30 -21.97
C ASN A 276 -41.68 -6.82 -21.68
N GLY A 277 -41.15 -7.73 -22.52
CA GLY A 277 -39.77 -8.21 -22.44
C GLY A 277 -38.75 -7.14 -22.80
N VAL A 278 -39.18 -6.06 -23.46
CA VAL A 278 -38.33 -4.92 -23.89
C VAL A 278 -38.24 -3.88 -22.77
N ALA A 279 -38.85 -4.13 -21.61
CA ALA A 279 -38.90 -3.23 -20.44
C ALA A 279 -37.48 -2.80 -20.04
N GLY A 280 -36.51 -3.72 -20.18
CA GLY A 280 -35.09 -3.48 -19.87
C GLY A 280 -34.51 -2.31 -20.64
N THR A 281 -35.02 -2.05 -21.86
CA THR A 281 -34.58 -0.98 -22.79
C THR A 281 -34.26 0.30 -22.02
N LEU A 282 -35.19 0.78 -21.17
CA LEU A 282 -35.02 2.04 -20.41
C LEU A 282 -33.95 1.87 -19.34
N ILE A 283 -33.96 0.73 -18.62
CA ILE A 283 -32.99 0.42 -17.52
C ILE A 283 -31.58 0.44 -18.10
N VAL A 284 -31.36 -0.27 -19.22
CA VAL A 284 -30.04 -0.36 -19.91
C VAL A 284 -29.69 1.01 -20.52
N ALA A 285 -30.70 1.76 -20.99
CA ALA A 285 -30.53 3.10 -21.59
C ALA A 285 -30.18 4.12 -20.49
N ASN A 286 -30.97 4.16 -19.41
CA ASN A 286 -30.78 5.08 -18.26
C ASN A 286 -29.38 4.89 -17.68
N THR A 287 -28.87 3.65 -17.69
CA THR A 287 -27.50 3.30 -17.23
C THR A 287 -26.48 3.90 -18.21
N PHE A 288 -26.55 3.47 -19.48
CA PHE A 288 -25.64 3.90 -20.58
C PHE A 288 -25.50 5.42 -20.59
N VAL A 289 -26.63 6.13 -20.58
CA VAL A 289 -26.71 7.62 -20.61
C VAL A 289 -25.95 8.20 -19.41
N GLN A 290 -26.11 7.60 -18.23
CA GLN A 290 -25.64 8.16 -16.93
C GLN A 290 -24.19 7.73 -16.65
N GLN A 291 -23.78 6.54 -17.10
CA GLN A 291 -22.42 5.97 -16.85
C GLN A 291 -21.52 6.23 -18.06
N GLY A 292 -21.96 5.81 -19.26
CA GLY A 292 -21.18 5.87 -20.51
C GLY A 292 -21.01 7.30 -21.01
N LEU A 293 -22.09 8.09 -21.02
CA LEU A 293 -22.12 9.48 -21.55
C LEU A 293 -22.00 10.49 -20.39
N GLY A 294 -22.02 10.02 -19.14
CA GLY A 294 -21.69 10.80 -17.94
C GLY A 294 -22.64 11.96 -17.69
N TYR A 295 -23.93 11.80 -18.04
CA TYR A 295 -25.00 12.78 -17.77
C TYR A 295 -25.37 12.76 -16.28
N THR A 296 -26.14 13.75 -15.84
CA THR A 296 -26.63 13.88 -14.44
C THR A 296 -27.87 13.00 -14.25
N ALA A 297 -28.46 13.01 -13.05
CA ALA A 297 -29.66 12.23 -12.68
C ALA A 297 -30.92 12.84 -13.33
N LEU A 298 -30.95 14.17 -13.47
CA LEU A 298 -32.13 14.93 -13.97
C LEU A 298 -32.33 14.69 -15.47
N GLN A 299 -31.31 14.95 -16.28
CA GLN A 299 -31.34 14.74 -17.76
C GLN A 299 -31.81 13.31 -18.06
N ALA A 300 -31.32 12.34 -17.30
CA ALA A 300 -31.74 10.91 -17.36
C ALA A 300 -33.23 10.80 -17.06
N GLY A 301 -33.71 11.51 -16.04
CA GLY A 301 -35.13 11.59 -15.63
C GLY A 301 -35.98 12.34 -16.65
N TYR A 302 -35.42 13.35 -17.32
CA TYR A 302 -36.11 14.17 -18.36
C TYR A 302 -36.34 13.31 -19.59
N LEU A 303 -35.33 12.53 -20.02
CA LEU A 303 -35.45 11.53 -21.12
C LEU A 303 -36.54 10.52 -20.76
N SER A 304 -36.62 10.13 -19.49
CA SER A 304 -37.56 9.10 -18.95
C SER A 304 -38.98 9.65 -18.88
N ILE A 305 -39.16 10.86 -18.32
CA ILE A 305 -40.50 11.50 -18.11
C ILE A 305 -41.05 11.98 -19.46
N THR A 306 -40.18 12.17 -20.45
CA THR A 306 -40.53 12.44 -21.87
C THR A 306 -41.17 11.19 -22.48
N TYR A 307 -40.62 10.01 -22.18
CA TYR A 307 -41.19 8.69 -22.53
C TYR A 307 -42.52 8.47 -21.81
N LEU A 308 -42.59 8.86 -20.52
CA LEU A 308 -43.76 8.66 -19.63
C LEU A 308 -44.98 9.41 -20.17
N ILE A 309 -44.85 10.70 -20.43
CA ILE A 309 -45.96 11.59 -20.91
C ILE A 309 -46.37 11.11 -22.32
N MET A 310 -45.40 10.66 -23.13
CA MET A 310 -45.62 10.21 -24.53
C MET A 310 -46.47 8.92 -24.54
N VAL A 311 -46.14 7.95 -23.67
CA VAL A 311 -46.86 6.64 -23.58
C VAL A 311 -48.25 6.86 -22.95
N LEU A 312 -48.41 7.92 -22.15
CA LEU A 312 -49.67 8.25 -21.45
C LEU A 312 -50.64 9.00 -22.38
N LEU A 313 -50.10 9.70 -23.39
CA LEU A 313 -50.89 10.47 -24.39
C LEU A 313 -50.89 9.70 -25.73
N MET A 314 -50.94 8.36 -25.66
CA MET A 314 -51.00 7.45 -26.83
C MET A 314 -51.83 6.20 -26.52
N ILE A 315 -52.13 5.94 -25.24
CA ILE A 315 -53.19 4.97 -24.81
C ILE A 315 -54.56 5.59 -25.10
N ARG A 316 -54.65 6.92 -25.09
CA ARG A 316 -55.84 7.70 -25.52
C ARG A 316 -56.00 7.59 -27.05
N VAL A 317 -54.89 7.75 -27.79
CA VAL A 317 -54.85 7.71 -29.28
C VAL A 317 -54.94 6.25 -29.75
N GLY A 318 -54.49 5.30 -28.92
CA GLY A 318 -54.65 3.85 -29.16
C GLY A 318 -56.10 3.42 -29.08
N GLU A 319 -56.89 4.11 -28.25
CA GLU A 319 -58.37 3.92 -28.09
C GLU A 319 -59.05 4.27 -29.42
N LYS A 320 -58.77 5.46 -29.95
CA LYS A 320 -59.30 5.98 -31.24
C LYS A 320 -58.79 5.10 -32.39
N LEU A 321 -57.53 4.63 -32.30
CA LEU A 321 -56.90 3.69 -33.27
C LEU A 321 -57.80 2.46 -33.45
N LEU A 322 -58.47 2.03 -32.37
CA LEU A 322 -59.50 0.96 -32.37
C LEU A 322 -60.89 1.59 -32.43
N SER A 327 -57.98 -3.50 -33.88
CA SER A 327 -57.52 -4.37 -32.76
C SER A 327 -56.10 -4.86 -33.01
N LYS A 328 -55.90 -5.64 -34.08
CA LYS A 328 -54.60 -6.26 -34.45
C LYS A 328 -53.71 -5.22 -35.13
N ARG A 329 -54.29 -4.34 -35.95
CA ARG A 329 -53.58 -3.30 -36.74
C ARG A 329 -52.72 -2.42 -35.82
N PRO A 330 -53.30 -1.74 -34.81
CA PRO A 330 -52.52 -0.86 -33.92
C PRO A 330 -51.49 -1.61 -33.06
N MET A 331 -51.81 -2.84 -32.64
CA MET A 331 -50.92 -3.71 -31.82
C MET A 331 -49.68 -4.10 -32.64
N LEU A 332 -49.80 -4.17 -33.98
CA LEU A 332 -48.67 -4.44 -34.91
C LEU A 332 -47.85 -3.16 -35.12
N LEU A 333 -48.49 -1.99 -35.13
CA LEU A 333 -47.85 -0.66 -35.27
C LEU A 333 -47.06 -0.34 -33.99
N GLY A 334 -47.65 -0.61 -32.83
CA GLY A 334 -47.02 -0.42 -31.50
C GLY A 334 -45.78 -1.27 -31.33
N THR A 335 -45.91 -2.59 -31.56
CA THR A 335 -44.82 -3.60 -31.42
C THR A 335 -43.73 -3.35 -32.49
N PHE A 336 -44.09 -2.70 -33.60
CA PHE A 336 -43.16 -2.31 -34.69
C PHE A 336 -42.35 -1.08 -34.26
N ILE A 337 -43.03 0.05 -34.07
CA ILE A 337 -42.41 1.40 -33.89
C ILE A 337 -41.46 1.40 -32.69
N VAL A 338 -41.75 0.59 -31.65
CA VAL A 338 -40.88 0.43 -30.45
C VAL A 338 -39.53 -0.13 -30.88
N VAL A 339 -39.52 -1.13 -31.77
CA VAL A 339 -38.30 -1.83 -32.24
C VAL A 339 -37.37 -0.81 -32.92
N ILE A 340 -37.95 0.18 -33.61
CA ILE A 340 -37.22 1.34 -34.19
C ILE A 340 -36.74 2.23 -33.04
N GLY A 341 -37.60 2.46 -32.05
CA GLY A 341 -37.29 3.22 -30.82
C GLY A 341 -36.09 2.63 -30.07
N ILE A 342 -35.94 1.30 -30.09
CA ILE A 342 -34.78 0.57 -29.51
C ILE A 342 -33.55 0.85 -30.39
N ALA A 343 -33.68 0.64 -31.70
CA ALA A 343 -32.62 0.83 -32.71
C ALA A 343 -32.09 2.27 -32.68
N LEU A 344 -32.98 3.26 -32.49
CA LEU A 344 -32.63 4.70 -32.38
C LEU A 344 -31.75 4.95 -31.15
N ILE A 345 -32.02 4.23 -30.05
CA ILE A 345 -31.25 4.33 -28.77
C ILE A 345 -30.01 3.42 -28.83
N SER A 346 -30.03 2.39 -29.70
CA SER A 346 -28.90 1.47 -29.95
C SER A 346 -27.79 2.19 -30.72
N LEU A 347 -28.17 3.01 -31.71
CA LEU A 347 -27.24 3.70 -32.64
C LEU A 347 -26.52 4.86 -31.94
N VAL A 348 -26.94 5.26 -30.73
CA VAL A 348 -26.28 6.32 -29.92
C VAL A 348 -25.04 5.72 -29.22
N PHE A 349 -24.76 4.44 -29.46
CA PHE A 349 -23.52 3.74 -29.02
C PHE A 349 -22.42 3.92 -30.07
N LEU A 350 -22.76 4.42 -31.26
CA LEU A 350 -21.79 4.88 -32.30
C LEU A 350 -22.20 6.29 -32.75
N PRO A 351 -22.12 7.31 -31.85
CA PRO A 351 -22.73 8.62 -32.08
C PRO A 351 -21.77 9.76 -32.47
N GLY A 352 -22.32 10.99 -32.48
CA GLY A 352 -21.59 12.26 -32.48
C GLY A 352 -22.00 13.12 -31.29
N ILE A 353 -21.82 14.45 -31.38
CA ILE A 353 -22.08 15.42 -30.27
C ILE A 353 -23.59 15.71 -30.18
N PHE A 354 -24.27 15.82 -31.33
CA PHE A 354 -25.73 16.07 -31.43
C PHE A 354 -26.44 14.78 -31.86
N TYR A 355 -26.09 13.66 -31.21
CA TYR A 355 -26.74 12.33 -31.37
C TYR A 355 -27.69 12.09 -30.19
N VAL A 356 -27.76 13.04 -29.25
CA VAL A 356 -28.75 13.10 -28.13
C VAL A 356 -30.16 13.00 -28.73
N ILE A 357 -30.37 13.58 -29.93
CA ILE A 357 -31.65 13.52 -30.68
C ILE A 357 -32.01 12.04 -30.92
N SER A 358 -31.16 11.31 -31.63
CA SER A 358 -31.33 9.86 -31.96
C SER A 358 -31.79 9.10 -30.72
N CYS A 359 -31.22 9.42 -29.56
CA CYS A 359 -31.59 8.85 -28.23
C CYS A 359 -32.98 9.36 -27.83
N VAL A 360 -33.18 10.68 -27.84
CA VAL A 360 -34.45 11.37 -27.42
C VAL A 360 -35.60 10.83 -28.28
N VAL A 361 -35.49 10.93 -29.61
CA VAL A 361 -36.55 10.50 -30.56
C VAL A 361 -36.86 9.01 -30.35
N GLY A 362 -35.86 8.22 -29.91
CA GLY A 362 -36.02 6.81 -29.52
C GLY A 362 -36.96 6.65 -28.34
N TYR A 363 -36.73 7.43 -27.27
CA TYR A 363 -37.56 7.45 -26.03
C TYR A 363 -39.02 7.78 -26.39
N LEU A 364 -39.24 8.74 -27.31
CA LEU A 364 -40.59 9.10 -27.83
C LEU A 364 -41.12 7.95 -28.68
N CYS A 365 -40.33 7.50 -29.67
CA CYS A 365 -40.63 6.37 -30.59
C CYS A 365 -40.99 5.11 -29.78
N PHE A 366 -40.26 4.87 -28.70
CA PHE A 366 -40.46 3.74 -27.74
C PHE A 366 -41.74 3.99 -26.93
N GLY A 367 -41.86 5.17 -26.35
CA GLY A 367 -42.99 5.59 -25.50
C GLY A 367 -44.32 5.50 -26.23
N LEU A 368 -44.41 6.10 -27.42
CA LEU A 368 -45.68 6.22 -28.20
C LEU A 368 -46.13 4.83 -28.66
N GLY A 369 -45.18 3.94 -29.00
CA GLY A 369 -45.45 2.58 -29.48
C GLY A 369 -46.16 1.74 -28.43
N LEU A 370 -45.66 1.75 -27.19
CA LEU A 370 -46.26 1.05 -26.03
C LEU A 370 -47.68 1.57 -25.79
N GLY A 371 -47.89 2.88 -25.93
CA GLY A 371 -49.20 3.54 -25.76
C GLY A 371 -50.22 3.06 -26.79
N ILE A 372 -49.79 2.97 -28.05
CA ILE A 372 -50.62 2.52 -29.21
C ILE A 372 -50.94 1.02 -29.05
N TYR A 373 -50.14 0.30 -28.30
CA TYR A 373 -50.40 -1.14 -28.14
C TYR A 373 -51.25 -1.34 -26.91
N ALA A 374 -50.95 -0.62 -25.85
CA ALA A 374 -51.57 -0.90 -24.55
C ALA A 374 -53.09 -0.81 -24.57
N THR A 375 -53.71 0.26 -25.04
CA THR A 375 -55.19 0.23 -24.93
C THR A 375 -55.83 -0.82 -25.84
N PRO A 376 -55.45 -1.00 -27.12
CA PRO A 376 -56.07 -2.01 -27.92
C PRO A 376 -55.85 -3.37 -27.27
N SER A 377 -54.62 -3.65 -26.86
CA SER A 377 -54.34 -4.99 -26.29
C SER A 377 -54.87 -5.20 -24.88
N THR A 378 -55.30 -4.19 -24.14
CA THR A 378 -55.92 -4.48 -22.83
C THR A 378 -57.37 -4.87 -23.07
N ASP A 379 -57.88 -4.53 -24.24
CA ASP A 379 -59.29 -4.67 -24.68
C ASP A 379 -59.47 -6.01 -25.40
N THR A 380 -58.55 -6.35 -26.32
CA THR A 380 -58.56 -7.62 -27.10
C THR A 380 -58.59 -8.82 -26.15
N ALA A 381 -57.95 -8.70 -24.98
CA ALA A 381 -57.91 -9.74 -23.91
C ALA A 381 -59.22 -9.68 -23.10
N ILE A 382 -59.57 -8.51 -22.56
CA ILE A 382 -60.74 -8.29 -21.67
C ILE A 382 -62.04 -8.56 -22.44
N SER A 383 -62.04 -8.42 -23.76
CA SER A 383 -63.20 -8.67 -24.67
C SER A 383 -63.46 -10.18 -24.76
N ASN A 384 -62.54 -10.93 -25.39
CA ASN A 384 -62.70 -12.37 -25.71
C ASN A 384 -62.77 -13.20 -24.42
N ALA A 385 -62.20 -12.70 -23.32
CA ALA A 385 -62.31 -13.30 -21.97
C ALA A 385 -63.78 -13.49 -21.63
N PRO A 386 -64.27 -14.75 -21.51
CA PRO A 386 -65.70 -15.01 -21.32
C PRO A 386 -66.24 -14.42 -20.02
N LEU A 387 -67.44 -13.81 -20.07
CA LEU A 387 -68.09 -13.11 -18.92
C LEU A 387 -68.20 -14.05 -17.71
N ASP A 388 -68.36 -15.35 -17.95
CA ASP A 388 -68.44 -16.41 -16.91
C ASP A 388 -67.11 -16.49 -16.15
N LYS A 389 -65.98 -16.37 -16.86
CA LYS A 389 -64.61 -16.51 -16.30
C LYS A 389 -63.74 -15.32 -16.78
N VAL A 390 -63.82 -14.19 -16.09
CA VAL A 390 -63.04 -12.94 -16.37
C VAL A 390 -61.95 -12.80 -15.31
N GLY A 391 -62.34 -12.89 -14.02
CA GLY A 391 -61.43 -12.76 -12.86
C GLY A 391 -60.21 -13.65 -12.97
N VAL A 392 -60.37 -14.88 -13.46
CA VAL A 392 -59.26 -15.86 -13.69
C VAL A 392 -58.48 -15.41 -14.94
N ALA A 393 -59.19 -15.01 -16.00
CA ALA A 393 -58.64 -14.62 -17.32
C ALA A 393 -57.80 -13.34 -17.18
N SER A 394 -58.34 -12.33 -16.49
CA SER A 394 -57.69 -11.00 -16.27
C SER A 394 -56.43 -11.16 -15.42
N GLY A 395 -56.49 -12.00 -14.39
CA GLY A 395 -55.36 -12.32 -13.49
C GLY A 395 -54.18 -12.92 -14.25
N ILE A 396 -54.46 -13.77 -15.24
CA ILE A 396 -53.44 -14.44 -16.10
C ILE A 396 -52.78 -13.40 -17.01
N TYR A 397 -53.58 -12.51 -17.62
CA TYR A 397 -53.11 -11.39 -18.48
C TYR A 397 -52.23 -10.45 -17.66
N ALA A 398 -52.63 -10.17 -16.41
CA ALA A 398 -51.91 -9.32 -15.43
C ALA A 398 -50.61 -10.00 -15.01
N MET A 399 -50.65 -11.31 -14.78
CA MET A 399 -49.47 -12.15 -14.42
C MET A 399 -48.49 -12.19 -15.60
N ALA A 400 -48.99 -12.50 -16.80
CA ALA A 400 -48.21 -12.60 -18.06
C ALA A 400 -47.48 -11.29 -18.34
N SER A 401 -48.15 -10.15 -18.07
CA SER A 401 -47.60 -8.78 -18.18
C SER A 401 -46.41 -8.61 -17.22
N SER A 402 -46.58 -9.06 -15.96
CA SER A 402 -45.60 -8.91 -14.85
C SER A 402 -44.36 -9.78 -15.11
N LEU A 403 -44.56 -11.08 -15.38
CA LEU A 403 -43.46 -12.06 -15.63
C LEU A 403 -42.65 -11.62 -16.85
N GLY A 404 -43.32 -11.08 -17.88
CA GLY A 404 -42.68 -10.54 -19.09
C GLY A 404 -41.61 -9.51 -18.76
N GLY A 405 -41.96 -8.53 -17.90
CA GLY A 405 -41.06 -7.46 -17.45
C GLY A 405 -39.85 -8.01 -16.70
N ALA A 406 -40.10 -8.85 -15.69
CA ALA A 406 -39.05 -9.51 -14.87
C ALA A 406 -38.09 -10.29 -15.77
N PHE A 407 -38.64 -11.17 -16.61
CA PHE A 407 -37.89 -12.04 -17.56
C PHE A 407 -37.07 -11.16 -18.52
N GLY A 408 -37.62 -10.02 -18.92
CA GLY A 408 -36.97 -9.06 -19.83
C GLY A 408 -35.77 -8.38 -19.18
N VAL A 409 -36.01 -7.67 -18.07
CA VAL A 409 -35.00 -6.89 -17.31
C VAL A 409 -33.81 -7.81 -16.99
N ALA A 410 -34.09 -8.99 -16.43
CA ALA A 410 -33.09 -10.00 -16.01
C ALA A 410 -32.15 -10.33 -17.18
N ILE A 411 -32.71 -10.58 -18.37
CA ILE A 411 -31.93 -10.85 -19.61
C ILE A 411 -31.14 -9.58 -19.97
N SER A 412 -31.83 -8.45 -20.12
CA SER A 412 -31.26 -7.13 -20.51
C SER A 412 -30.07 -6.79 -19.60
N GLY A 413 -30.22 -6.95 -18.29
CA GLY A 413 -29.18 -6.68 -17.29
C GLY A 413 -28.02 -7.66 -17.40
N ALA A 414 -28.31 -8.97 -17.31
CA ALA A 414 -27.31 -10.06 -17.37
C ALA A 414 -26.44 -9.91 -18.62
N VAL A 415 -27.06 -9.66 -19.78
CA VAL A 415 -26.39 -9.46 -21.09
C VAL A 415 -25.47 -8.24 -20.98
N TYR A 416 -26.01 -7.10 -20.55
CA TYR A 416 -25.27 -5.82 -20.36
C TYR A 416 -24.06 -6.06 -19.46
N ALA A 417 -24.30 -6.64 -18.27
CA ALA A 417 -23.27 -6.96 -17.25
C ALA A 417 -22.20 -7.90 -17.83
N GLY A 418 -22.62 -8.86 -18.67
CA GLY A 418 -21.73 -9.82 -19.34
C GLY A 418 -20.97 -9.16 -20.49
N ALA A 419 -21.67 -8.40 -21.33
CA ALA A 419 -21.13 -7.74 -22.55
C ALA A 419 -20.18 -6.61 -22.14
N VAL A 420 -20.55 -5.80 -21.16
CA VAL A 420 -19.73 -4.61 -20.70
C VAL A 420 -18.47 -5.11 -20.00
N ALA A 421 -18.48 -6.34 -19.47
CA ALA A 421 -17.28 -6.97 -18.84
C ALA A 421 -16.34 -7.44 -19.92
N ALA A 422 -16.87 -8.17 -20.91
CA ALA A 422 -16.11 -8.71 -22.06
C ALA A 422 -15.58 -7.56 -22.93
N THR A 423 -16.46 -6.64 -23.33
CA THR A 423 -16.16 -5.47 -24.19
C THR A 423 -16.32 -4.27 -23.24
N SER A 424 -16.63 -3.08 -23.77
CA SER A 424 -16.82 -1.82 -23.00
C SER A 424 -18.29 -1.41 -22.79
N ILE A 425 -18.51 -0.22 -22.23
CA ILE A 425 -19.86 0.33 -21.88
C ILE A 425 -20.66 0.54 -23.17
N HIS A 426 -20.06 1.22 -24.17
CA HIS A 426 -20.71 1.56 -25.47
C HIS A 426 -21.02 0.28 -26.25
N THR A 427 -20.02 -0.58 -26.46
CA THR A 427 -20.13 -1.87 -27.17
C THR A 427 -21.13 -2.78 -26.44
N GLY A 428 -20.98 -2.90 -25.11
CA GLY A 428 -21.83 -3.74 -24.24
C GLY A 428 -23.30 -3.34 -24.29
N ALA A 429 -23.57 -2.03 -24.25
CA ALA A 429 -24.93 -1.43 -24.31
C ALA A 429 -25.66 -1.96 -25.56
N MET A 430 -25.04 -1.84 -26.74
CA MET A 430 -25.61 -2.29 -28.03
C MET A 430 -26.04 -3.75 -27.93
N ILE A 431 -25.13 -4.63 -27.51
CA ILE A 431 -25.36 -6.10 -27.34
C ILE A 431 -26.63 -6.30 -26.51
N ALA A 432 -26.80 -5.52 -25.44
CA ALA A 432 -27.97 -5.57 -24.53
C ALA A 432 -29.21 -4.98 -25.22
N LEU A 433 -29.07 -3.83 -25.86
CA LEU A 433 -30.17 -3.13 -26.60
C LEU A 433 -30.62 -4.02 -27.78
N TRP A 434 -29.70 -4.69 -28.46
CA TRP A 434 -29.98 -5.61 -29.60
C TRP A 434 -30.84 -6.79 -29.13
N VAL A 435 -30.57 -7.32 -27.94
CA VAL A 435 -31.34 -8.44 -27.33
C VAL A 435 -32.78 -7.97 -27.08
N ASN A 436 -32.98 -6.68 -26.79
CA ASN A 436 -34.33 -6.06 -26.62
C ASN A 436 -35.04 -6.00 -27.97
N VAL A 437 -34.31 -5.77 -29.08
CA VAL A 437 -34.86 -5.74 -30.46
C VAL A 437 -35.45 -7.11 -30.78
N LEU A 438 -34.70 -8.19 -30.51
CA LEU A 438 -35.10 -9.60 -30.80
C LEU A 438 -36.48 -9.89 -30.18
N MET A 439 -36.67 -9.51 -28.91
CA MET A 439 -37.94 -9.72 -28.16
C MET A 439 -39.04 -8.82 -28.74
N GLY A 440 -38.69 -7.59 -29.13
CA GLY A 440 -39.59 -6.63 -29.79
C GLY A 440 -40.09 -7.15 -31.14
N ILE A 441 -39.21 -7.82 -31.89
CA ILE A 441 -39.53 -8.48 -33.20
C ILE A 441 -40.38 -9.72 -32.91
N MET A 442 -40.01 -10.52 -31.90
CA MET A 442 -40.77 -11.71 -31.45
C MET A 442 -42.14 -11.29 -30.92
N ALA A 443 -42.25 -10.07 -30.37
CA ALA A 443 -43.52 -9.45 -29.92
C ALA A 443 -44.35 -9.03 -31.13
N PHE A 444 -43.69 -8.59 -32.22
CA PHE A 444 -44.30 -8.23 -33.52
C PHE A 444 -44.71 -9.51 -34.26
N ILE A 445 -43.93 -10.59 -34.12
CA ILE A 445 -44.21 -11.94 -34.70
C ILE A 445 -45.26 -12.64 -33.85
N ALA A 446 -45.37 -12.31 -32.56
CA ALA A 446 -46.35 -12.89 -31.60
C ALA A 446 -47.78 -12.50 -32.01
N ILE A 447 -47.95 -11.39 -32.72
CA ILE A 447 -49.28 -10.88 -33.18
C ILE A 447 -49.79 -11.76 -34.33
N LEU A 448 -48.87 -12.42 -35.07
CA LEU A 448 -49.20 -13.38 -36.15
C LEU A 448 -50.24 -14.39 -35.65
N PHE A 449 -50.14 -14.83 -34.39
CA PHE A 449 -51.08 -15.76 -33.72
C PHE A 449 -52.09 -14.96 -32.86
N ALA A 450 -52.63 -13.88 -33.41
CA ALA A 450 -53.71 -13.05 -32.82
C ALA A 450 -54.57 -12.47 -33.95
N ILE A 451 -55.41 -13.32 -34.55
CA ILE A 451 -56.16 -13.06 -35.82
C ILE A 451 -57.13 -11.90 -35.64
N PRO A 452 -57.52 -11.20 -36.73
CA PRO A 452 -58.51 -10.13 -36.66
C PRO A 452 -59.86 -10.61 -36.10
N LEU B 11 67.79 -5.95 9.33
CA LEU B 11 66.54 -6.61 9.81
C LEU B 11 66.06 -5.93 11.10
N ILE B 12 66.15 -4.60 11.18
CA ILE B 12 65.70 -3.77 12.34
C ILE B 12 64.21 -3.45 12.16
N LEU B 13 63.85 -2.72 11.10
CA LEU B 13 62.45 -2.40 10.74
C LEU B 13 61.80 -3.61 10.06
N GLY B 14 62.54 -4.28 9.16
CA GLY B 14 62.08 -5.45 8.39
C GLY B 14 61.36 -6.48 9.26
N ILE B 15 61.84 -6.66 10.49
CA ILE B 15 61.24 -7.57 11.52
C ILE B 15 60.04 -6.87 12.17
N VAL B 16 60.23 -5.62 12.63
CA VAL B 16 59.20 -4.80 13.33
C VAL B 16 57.96 -4.70 12.43
N LEU B 17 58.14 -4.24 11.19
CA LEU B 17 57.06 -4.02 10.18
C LEU B 17 56.24 -5.31 10.01
N GLY B 18 56.91 -6.45 9.84
CA GLY B 18 56.29 -7.78 9.72
C GLY B 18 55.33 -8.07 10.86
N VAL B 19 55.63 -7.57 12.07
CA VAL B 19 54.79 -7.71 13.30
C VAL B 19 53.62 -6.73 13.24
N ILE B 20 53.84 -5.51 12.72
CA ILE B 20 52.82 -4.44 12.58
C ILE B 20 51.82 -4.86 11.50
N THR B 21 52.31 -5.46 10.41
CA THR B 21 51.51 -5.90 9.23
C THR B 21 50.79 -7.22 9.55
N PHE B 22 51.03 -7.80 10.73
CA PHE B 22 50.23 -8.92 11.31
C PHE B 22 48.90 -8.37 11.84
N TRP B 23 48.87 -7.06 12.14
CA TRP B 23 47.70 -6.29 12.65
C TRP B 23 46.99 -5.57 11.48
N LEU B 24 47.53 -5.70 10.27
CA LEU B 24 46.85 -5.33 8.98
C LEU B 24 45.92 -6.47 8.59
N PHE B 25 46.46 -7.68 8.44
CA PHE B 25 45.77 -8.90 7.94
C PHE B 25 44.68 -9.34 8.94
N ALA B 26 44.78 -8.88 10.20
CA ALA B 26 43.75 -9.03 11.23
C ALA B 26 42.56 -8.10 10.91
N GLN B 27 42.84 -6.84 10.57
CA GLN B 27 41.83 -5.76 10.37
C GLN B 27 41.47 -5.62 8.89
N SER B 28 41.69 -6.66 8.07
CA SER B 28 41.27 -6.74 6.65
C SER B 28 39.93 -7.48 6.56
N LEU B 29 39.78 -8.56 7.33
CA LEU B 29 38.58 -9.44 7.37
C LEU B 29 37.34 -8.65 7.82
N VAL B 30 37.54 -7.55 8.55
CA VAL B 30 36.45 -6.66 9.08
C VAL B 30 35.58 -6.15 7.92
N ASN B 31 36.13 -6.11 6.72
CA ASN B 31 35.36 -5.67 5.54
C ASN B 31 35.04 -6.86 4.64
N VAL B 32 34.93 -8.06 5.18
CA VAL B 32 34.55 -9.24 4.34
C VAL B 32 33.58 -10.04 5.19
N VAL B 33 32.86 -9.37 6.06
CA VAL B 33 31.96 -10.12 6.99
C VAL B 33 30.95 -10.96 6.20
N PRO B 34 30.46 -10.53 5.02
CA PRO B 34 29.52 -11.33 4.24
C PRO B 34 30.06 -12.67 3.71
N ASN B 35 31.34 -12.73 3.33
CA ASN B 35 32.00 -13.96 2.85
C ASN B 35 32.15 -14.93 4.03
N LEU B 36 32.51 -14.40 5.20
CA LEU B 36 32.61 -15.14 6.48
C LEU B 36 31.21 -15.62 6.92
N GLN B 37 30.18 -14.83 6.64
CA GLN B 37 28.75 -15.14 6.95
C GLN B 37 28.40 -16.54 6.45
N GLN B 38 28.83 -16.87 5.22
CA GLN B 38 28.56 -18.17 4.54
C GLN B 38 29.32 -19.30 5.25
N SER B 39 30.65 -19.18 5.33
CA SER B 39 31.59 -20.23 5.80
C SER B 39 31.32 -20.60 7.26
N PHE B 40 31.49 -19.65 8.18
CA PHE B 40 31.34 -19.83 9.65
C PHE B 40 29.86 -20.02 10.01
N GLY B 41 28.94 -19.69 9.08
CA GLY B 41 27.53 -20.08 9.13
C GLY B 41 26.66 -19.09 9.89
N THR B 42 26.91 -18.93 11.19
CA THR B 42 26.10 -18.11 12.14
C THR B 42 25.78 -16.74 11.53
N ASP B 43 24.60 -16.21 11.84
CA ASP B 43 24.04 -14.95 11.28
C ASP B 43 24.97 -13.78 11.58
N MET B 44 24.82 -12.67 10.83
CA MET B 44 25.54 -11.39 11.06
C MET B 44 25.11 -10.78 12.40
N GLY B 45 25.85 -9.81 12.89
CA GLY B 45 25.68 -9.21 14.23
C GLY B 45 26.47 -9.97 15.28
N THR B 46 26.34 -11.30 15.29
CA THR B 46 27.12 -12.24 16.14
C THR B 46 28.47 -12.55 15.46
N ILE B 47 28.45 -12.77 14.14
CA ILE B 47 29.67 -13.13 13.35
C ILE B 47 30.49 -11.86 13.07
N SER B 48 29.86 -10.68 13.15
CA SER B 48 30.51 -9.36 12.93
C SER B 48 31.20 -8.91 14.23
N ILE B 49 30.46 -8.88 15.34
CA ILE B 49 30.99 -8.53 16.70
C ILE B 49 32.16 -9.46 17.03
N ALA B 50 32.11 -10.71 16.56
CA ALA B 50 33.20 -11.71 16.69
C ALA B 50 34.51 -11.10 16.17
N VAL B 51 34.46 -10.44 15.01
CA VAL B 51 35.64 -9.83 14.33
C VAL B 51 36.07 -8.58 15.10
N SER B 52 35.10 -7.81 15.60
CA SER B 52 35.38 -6.52 16.28
C SER B 52 36.18 -6.74 17.54
N LEU B 53 36.14 -7.94 18.12
CA LEU B 53 36.82 -8.25 19.42
C LEU B 53 38.33 -8.04 19.32
N THR B 54 38.93 -8.27 18.15
CA THR B 54 40.37 -8.12 17.96
C THR B 54 40.81 -6.74 18.43
N ALA B 55 40.14 -5.65 18.07
CA ALA B 55 40.69 -4.37 18.56
C ALA B 55 40.22 -4.12 19.98
N LEU B 56 38.98 -4.47 20.25
CA LEU B 56 38.35 -4.35 21.61
C LEU B 56 39.36 -4.82 22.66
N PHE B 57 39.85 -6.06 22.54
CA PHE B 57 40.79 -6.70 23.50
C PHE B 57 42.18 -6.08 23.37
N SER B 58 42.59 -5.70 22.15
CA SER B 58 43.89 -5.07 21.86
C SER B 58 44.05 -3.78 22.66
N GLY B 59 43.10 -2.85 22.50
CA GLY B 59 43.14 -1.49 23.08
C GLY B 59 43.13 -1.49 24.61
N MET B 60 42.52 -2.51 25.22
CA MET B 60 42.38 -2.61 26.70
C MET B 60 43.61 -3.31 27.31
N PHE B 61 44.21 -4.26 26.58
CA PHE B 61 45.36 -5.09 27.05
C PHE B 61 46.70 -4.44 26.69
N VAL B 62 46.71 -3.51 25.74
CA VAL B 62 47.95 -2.88 25.17
C VAL B 62 48.85 -2.39 26.31
N VAL B 63 48.27 -1.80 27.36
CA VAL B 63 49.00 -1.23 28.53
C VAL B 63 49.58 -2.38 29.36
N GLY B 64 48.75 -3.35 29.72
CA GLY B 64 49.13 -4.55 30.50
C GLY B 64 50.15 -5.40 29.77
N ALA B 65 49.86 -5.77 28.52
CA ALA B 65 50.76 -6.53 27.61
C ALA B 65 52.03 -5.73 27.34
N GLY B 66 51.93 -4.39 27.41
CA GLY B 66 53.08 -3.46 27.37
C GLY B 66 53.90 -3.54 28.65
N GLY B 67 53.24 -3.68 29.80
CA GLY B 67 53.86 -3.79 31.13
C GLY B 67 54.51 -5.15 31.37
N LEU B 68 53.89 -6.23 30.90
CA LEU B 68 54.42 -7.62 30.99
C LEU B 68 55.52 -7.82 29.95
N ALA B 69 55.61 -6.93 28.95
CA ALA B 69 56.75 -6.81 28.01
C ALA B 69 57.85 -5.95 28.65
N ASP B 70 57.45 -4.91 29.40
CA ASP B 70 58.35 -4.01 30.15
C ASP B 70 59.15 -4.81 31.19
N LYS B 71 58.47 -5.72 31.90
CA LYS B 71 59.06 -6.56 32.99
C LYS B 71 59.82 -7.75 32.38
N ILE B 72 59.08 -8.74 31.86
CA ILE B 72 59.61 -10.08 31.46
C ILE B 72 60.01 -10.07 29.98
N GLY B 73 60.99 -9.23 29.60
CA GLY B 73 61.60 -9.21 28.26
C GLY B 73 60.76 -8.50 27.23
N ARG B 74 61.35 -7.54 26.50
CA ARG B 74 60.69 -6.77 25.40
C ARG B 74 60.50 -7.72 24.21
N VAL B 75 61.60 -8.22 23.65
CA VAL B 75 61.64 -9.11 22.44
C VAL B 75 61.02 -10.46 22.80
N LYS B 76 61.00 -10.81 24.10
CA LYS B 76 60.30 -11.99 24.65
C LYS B 76 58.81 -11.92 24.27
N MET B 77 58.18 -10.74 24.45
CA MET B 77 56.73 -10.52 24.20
C MET B 77 56.47 -10.33 22.69
N THR B 78 57.42 -9.75 21.96
CA THR B 78 57.38 -9.64 20.47
C THR B 78 57.52 -11.04 19.86
N ASN B 79 58.26 -11.94 20.54
CA ASN B 79 58.37 -13.38 20.19
C ASN B 79 57.03 -14.06 20.47
N ILE B 80 56.39 -13.74 21.60
CA ILE B 80 55.03 -14.24 22.00
C ILE B 80 54.01 -13.77 20.95
N GLY B 81 53.88 -12.45 20.77
CA GLY B 81 52.93 -11.81 19.85
C GLY B 81 52.95 -12.43 18.47
N LEU B 82 54.14 -12.50 17.86
CA LEU B 82 54.37 -13.06 16.50
C LEU B 82 54.01 -14.55 16.46
N LEU B 83 54.28 -15.28 17.56
CA LEU B 83 53.91 -16.70 17.74
C LEU B 83 52.40 -16.81 18.00
N LEU B 84 51.85 -15.88 18.79
CA LEU B 84 50.42 -15.81 19.17
C LEU B 84 49.58 -15.40 17.94
N SER B 85 50.21 -14.76 16.95
CA SER B 85 49.59 -14.36 15.66
C SER B 85 49.46 -15.57 14.72
N ILE B 86 50.27 -16.61 14.92
CA ILE B 86 50.23 -17.88 14.13
C ILE B 86 48.97 -18.65 14.53
N ILE B 87 48.83 -18.94 15.83
CA ILE B 87 47.64 -19.62 16.43
C ILE B 87 46.40 -18.73 16.21
N GLY B 88 46.55 -17.41 16.32
CA GLY B 88 45.48 -16.41 16.08
C GLY B 88 44.84 -16.58 14.71
N SER B 89 45.65 -16.89 13.69
CA SER B 89 45.25 -17.00 12.27
C SER B 89 44.93 -18.46 11.92
N ALA B 90 45.85 -19.38 12.22
CA ALA B 90 45.76 -20.83 11.91
C ALA B 90 44.47 -21.41 12.51
N LEU B 91 44.12 -20.99 13.72
CA LEU B 91 42.92 -21.46 14.47
C LEU B 91 41.64 -21.09 13.70
N ILE B 92 41.63 -19.94 13.02
CA ILE B 92 40.47 -19.39 12.27
C ILE B 92 40.41 -20.03 10.87
N ILE B 93 41.50 -19.88 10.10
CA ILE B 93 41.59 -20.26 8.65
C ILE B 93 41.27 -21.75 8.48
N ILE B 94 41.75 -22.60 9.39
CA ILE B 94 41.67 -24.09 9.29
C ILE B 94 40.22 -24.53 9.51
N THR B 95 39.69 -24.33 10.72
CA THR B 95 38.34 -24.81 11.16
C THR B 95 37.30 -23.70 10.95
N ASN B 96 36.22 -24.00 10.23
CA ASN B 96 35.15 -23.04 9.84
C ASN B 96 33.88 -23.33 10.66
N LEU B 97 33.77 -22.69 11.83
CA LEU B 97 32.61 -22.79 12.75
C LEU B 97 32.65 -21.59 13.70
N PRO B 98 31.51 -21.09 14.22
CA PRO B 98 31.53 -19.89 15.06
C PRO B 98 32.15 -19.84 16.45
N ALA B 99 31.82 -20.78 17.35
CA ALA B 99 32.28 -20.74 18.75
C ALA B 99 33.81 -20.71 18.74
N LEU B 100 34.34 -21.09 17.58
CA LEU B 100 35.78 -21.12 17.23
C LEU B 100 36.27 -19.69 16.94
N LEU B 101 35.61 -19.01 16.00
CA LEU B 101 36.02 -17.68 15.46
C LEU B 101 36.31 -16.72 16.61
N ILE B 102 35.38 -16.61 17.57
CA ILE B 102 35.46 -15.68 18.74
C ILE B 102 36.82 -15.87 19.43
N LEU B 103 37.15 -17.12 19.80
CA LEU B 103 38.36 -17.50 20.58
C LEU B 103 39.64 -17.11 19.82
N GLY B 104 39.61 -17.12 18.49
CA GLY B 104 40.77 -16.78 17.63
C GLY B 104 40.95 -15.29 17.46
N ARG B 105 39.85 -14.53 17.43
CA ARG B 105 39.86 -13.06 17.24
C ARG B 105 40.33 -12.36 18.53
N VAL B 106 40.00 -12.93 19.70
CA VAL B 106 40.36 -12.34 21.03
C VAL B 106 41.88 -12.42 21.22
N ILE B 107 42.52 -13.52 20.78
CA ILE B 107 43.99 -13.74 20.88
C ILE B 107 44.70 -12.98 19.76
N GLN B 108 44.06 -12.83 18.60
CA GLN B 108 44.51 -11.95 17.49
C GLN B 108 44.64 -10.51 17.99
N GLY B 109 43.80 -10.13 18.98
CA GLY B 109 43.80 -8.81 19.64
C GLY B 109 44.91 -8.68 20.65
N VAL B 110 45.11 -9.69 21.50
CA VAL B 110 46.19 -9.73 22.54
C VAL B 110 47.56 -9.79 21.83
N SER B 111 47.62 -10.46 20.68
CA SER B 111 48.81 -10.50 19.78
C SER B 111 49.34 -9.08 19.56
N ALA B 112 48.46 -8.17 19.12
CA ALA B 112 48.77 -6.74 18.87
C ALA B 112 49.15 -6.05 20.18
N ALA B 113 48.41 -6.32 21.27
CA ALA B 113 48.63 -5.75 22.62
C ALA B 113 50.07 -6.00 23.06
N CYS B 114 50.61 -7.17 22.73
CA CYS B 114 52.02 -7.59 23.02
C CYS B 114 52.99 -6.84 22.10
N ILE B 115 52.71 -6.83 20.78
CA ILE B 115 53.62 -6.33 19.72
C ILE B 115 53.80 -4.81 19.85
N MET B 116 52.72 -4.04 19.61
CA MET B 116 52.76 -2.56 19.43
C MET B 116 53.70 -1.92 20.45
N PRO B 117 53.52 -2.13 21.78
CA PRO B 117 54.33 -1.43 22.78
C PRO B 117 55.79 -1.93 22.84
N SER B 118 55.97 -3.25 22.84
CA SER B 118 57.28 -3.94 22.96
C SER B 118 58.18 -3.58 21.76
N THR B 119 57.71 -3.83 20.54
CA THR B 119 58.43 -3.54 19.26
C THR B 119 58.74 -2.05 19.17
N LEU B 120 57.89 -1.20 19.77
CA LEU B 120 58.08 0.27 19.86
C LEU B 120 59.26 0.59 20.78
N ALA B 121 59.47 -0.22 21.82
CA ALA B 121 60.58 -0.08 22.80
C ALA B 121 61.91 -0.50 22.17
N ILE B 122 61.90 -1.56 21.36
CA ILE B 122 63.10 -2.07 20.62
C ILE B 122 63.67 -0.93 19.75
N MET B 123 62.80 -0.06 19.21
CA MET B 123 63.19 1.09 18.35
C MET B 123 64.10 2.04 19.15
N LYS B 124 63.85 2.16 20.47
CA LYS B 124 64.62 3.04 21.41
C LYS B 124 66.02 2.44 21.63
N THR B 125 66.11 1.13 21.84
CA THR B 125 67.37 0.36 22.04
C THR B 125 68.18 0.35 20.75
N TYR B 126 67.57 -0.17 19.67
CA TYR B 126 68.20 -0.37 18.32
C TYR B 126 68.83 0.93 17.83
N TYR B 127 68.11 2.05 17.94
CA TYR B 127 68.49 3.38 17.39
C TYR B 127 69.28 4.18 18.43
N GLN B 128 68.60 4.63 19.50
CA GLN B 128 69.18 5.45 20.60
C GLN B 128 69.60 6.82 20.07
N GLY B 129 68.66 7.53 19.40
CA GLY B 129 68.87 8.89 18.86
C GLY B 129 69.41 8.86 17.45
N ALA B 130 68.94 9.77 16.58
CA ALA B 130 69.37 9.96 15.18
C ALA B 130 68.85 8.81 14.30
N GLU B 131 69.10 7.57 14.70
CA GLU B 131 68.57 6.33 14.05
C GLU B 131 67.09 6.16 14.40
N ARG B 132 66.67 6.61 15.60
CA ARG B 132 65.26 6.56 16.09
C ARG B 132 64.34 7.27 15.09
N GLN B 133 64.83 8.34 14.45
CA GLN B 133 64.09 9.15 13.45
C GLN B 133 63.71 8.25 12.27
N ARG B 134 64.65 7.45 11.77
CA ARG B 134 64.48 6.54 10.60
C ARG B 134 63.71 5.29 11.02
N ALA B 135 63.79 4.90 12.30
CA ALA B 135 63.15 3.68 12.87
C ALA B 135 61.64 3.90 13.02
N LEU B 136 61.25 4.95 13.75
CA LEU B 136 59.83 5.27 14.09
C LEU B 136 59.08 5.72 12.82
N SER B 137 59.80 6.27 11.84
CA SER B 137 59.27 6.64 10.50
C SER B 137 58.90 5.37 9.73
N TYR B 138 59.75 4.34 9.80
CA TYR B 138 59.52 3.00 9.19
C TYR B 138 58.36 2.29 9.91
N TRP B 139 58.23 2.52 11.23
CA TRP B 139 57.12 2.00 12.08
C TRP B 139 55.79 2.62 11.63
N SER B 140 55.78 3.93 11.40
CA SER B 140 54.60 4.72 10.93
C SER B 140 54.14 4.20 9.56
N ILE B 141 55.07 4.01 8.62
CA ILE B 141 54.80 3.44 7.27
C ILE B 141 54.12 2.07 7.45
N GLY B 142 54.62 1.24 8.37
CA GLY B 142 54.10 -0.10 8.68
C GLY B 142 52.67 -0.06 9.20
N SER B 143 52.32 0.98 9.96
CA SER B 143 50.98 1.18 10.58
C SER B 143 50.05 1.92 9.59
N TRP B 144 50.30 3.21 9.36
CA TRP B 144 49.47 4.10 8.50
C TRP B 144 49.17 3.41 7.16
N GLY B 145 50.23 3.09 6.41
CA GLY B 145 50.15 2.45 5.08
C GLY B 145 49.44 1.11 5.14
N GLY B 146 49.67 0.34 6.21
CA GLY B 146 49.06 -0.99 6.43
C GLY B 146 47.55 -0.89 6.60
N SER B 147 47.11 -0.18 7.64
CA SER B 147 45.68 0.09 7.94
C SER B 147 45.02 0.83 6.77
N GLY B 148 45.78 1.71 6.10
CA GLY B 148 45.32 2.55 4.98
C GLY B 148 44.74 1.75 3.82
N ILE B 149 45.23 0.53 3.60
CA ILE B 149 44.84 -0.34 2.44
C ILE B 149 44.03 -1.56 2.93
N CYS B 150 44.08 -1.88 4.24
CA CYS B 150 43.56 -3.13 4.84
C CYS B 150 42.17 -3.49 4.30
N SER B 151 41.28 -2.50 4.19
CA SER B 151 39.90 -2.64 3.64
C SER B 151 39.98 -2.95 2.14
N LEU B 152 40.76 -2.16 1.41
CA LEU B 152 40.97 -2.29 -0.07
C LEU B 152 41.72 -3.59 -0.36
N PHE B 153 42.55 -4.05 0.58
CA PHE B 153 43.31 -5.33 0.49
C PHE B 153 42.32 -6.50 0.66
N GLY B 154 41.74 -6.64 1.85
CA GLY B 154 40.84 -7.75 2.24
C GLY B 154 39.81 -8.07 1.18
N GLY B 155 39.24 -7.04 0.54
CA GLY B 155 38.26 -7.16 -0.55
C GLY B 155 38.86 -7.82 -1.78
N ALA B 156 40.00 -7.30 -2.26
CA ALA B 156 40.74 -7.80 -3.44
C ALA B 156 41.10 -9.28 -3.23
N VAL B 157 41.45 -9.66 -2.00
CA VAL B 157 41.83 -11.07 -1.62
C VAL B 157 40.57 -11.94 -1.61
N ALA B 158 39.53 -11.54 -0.88
CA ALA B 158 38.30 -12.36 -0.78
C ALA B 158 37.66 -12.54 -2.16
N THR B 159 37.80 -11.52 -3.00
CA THR B 159 37.23 -11.56 -4.36
C THR B 159 37.88 -12.64 -5.21
N THR B 160 39.21 -12.74 -5.18
CA THR B 160 39.89 -13.70 -6.07
C THR B 160 40.28 -14.95 -5.31
N MET B 161 41.18 -14.82 -4.34
CA MET B 161 41.65 -16.01 -3.60
C MET B 161 40.52 -16.49 -2.69
N GLY B 162 40.22 -15.72 -1.65
CA GLY B 162 39.19 -16.11 -0.67
C GLY B 162 39.40 -15.43 0.67
N TRP B 163 38.41 -15.56 1.57
CA TRP B 163 38.41 -14.93 2.92
C TRP B 163 39.51 -15.56 3.80
N ARG B 164 39.80 -16.85 3.59
CA ARG B 164 40.80 -17.62 4.38
C ARG B 164 42.21 -17.36 3.85
N TRP B 165 42.34 -16.90 2.61
CA TRP B 165 43.64 -16.66 1.91
C TRP B 165 44.25 -15.31 2.35
N ILE B 166 43.54 -14.54 3.18
CA ILE B 166 44.05 -13.29 3.82
C ILE B 166 44.74 -13.66 5.15
N PHE B 167 44.48 -14.87 5.67
CA PHE B 167 44.98 -15.39 6.97
C PHE B 167 46.14 -16.37 6.77
N ILE B 168 46.35 -16.83 5.53
CA ILE B 168 47.55 -17.65 5.14
C ILE B 168 48.75 -16.70 4.99
N PHE B 169 48.48 -15.42 4.67
CA PHE B 169 49.49 -14.33 4.57
C PHE B 169 49.88 -13.84 5.96
N SER B 170 49.06 -14.11 6.98
CA SER B 170 49.24 -13.65 8.39
C SER B 170 50.32 -14.49 9.09
N ILE B 171 50.28 -15.82 8.90
CA ILE B 171 51.20 -16.78 9.59
C ILE B 171 52.61 -16.68 9.00
N ILE B 172 52.74 -16.55 7.67
CA ILE B 172 54.04 -16.60 6.95
C ILE B 172 54.81 -15.29 7.21
N VAL B 173 54.12 -14.14 7.26
CA VAL B 173 54.73 -12.80 7.52
C VAL B 173 55.11 -12.71 9.01
N ALA B 174 54.33 -13.36 9.88
CA ALA B 174 54.57 -13.44 11.34
C ALA B 174 55.81 -14.31 11.63
N VAL B 175 56.04 -15.34 10.80
CA VAL B 175 57.23 -16.24 10.87
C VAL B 175 58.44 -15.49 10.28
N LEU B 176 58.26 -14.84 9.12
CA LEU B 176 59.31 -14.07 8.38
C LEU B 176 59.70 -12.82 9.18
N SER B 177 58.94 -12.45 10.21
CA SER B 177 59.29 -11.41 11.21
C SER B 177 60.29 -11.98 12.21
N MET B 178 60.00 -13.16 12.76
CA MET B 178 60.85 -13.88 13.75
C MET B 178 62.06 -14.49 13.05
N LEU B 179 61.93 -14.82 11.75
CA LEU B 179 63.01 -15.40 10.91
C LEU B 179 63.89 -14.29 10.32
N LEU B 180 63.45 -13.03 10.42
CA LEU B 180 64.22 -11.82 10.01
C LEU B 180 64.58 -10.99 11.25
N ILE B 181 64.93 -11.67 12.35
CA ILE B 181 65.39 -11.05 13.63
C ILE B 181 66.11 -12.12 14.47
N LYS B 182 67.27 -11.77 15.05
CA LYS B 182 68.13 -12.70 15.83
C LYS B 182 68.57 -12.02 17.14
N GLY B 183 69.39 -10.97 17.04
CA GLY B 183 69.90 -10.20 18.19
C GLY B 183 68.76 -9.69 19.05
N THR B 184 68.66 -10.19 20.30
CA THR B 184 67.53 -9.95 21.24
C THR B 184 68.01 -9.22 22.48
N PRO B 185 68.20 -7.88 22.43
CA PRO B 185 68.53 -7.09 23.62
C PRO B 185 67.31 -6.86 24.51
N GLU B 186 66.82 -7.92 25.16
CA GLU B 186 65.60 -7.91 26.01
C GLU B 186 65.89 -7.14 27.31
N THR B 187 65.07 -6.13 27.62
CA THR B 187 65.23 -5.23 28.81
C THR B 187 64.34 -5.72 29.95
N LYS B 188 64.77 -5.49 31.20
CA LYS B 188 64.04 -5.88 32.44
C LYS B 188 64.33 -4.84 33.53
N VAL B 199 51.41 -4.76 38.41
CA VAL B 199 50.41 -4.02 39.24
C VAL B 199 49.38 -5.02 39.78
N ALA B 200 48.73 -5.78 38.89
CA ALA B 200 47.64 -6.74 39.17
C ALA B 200 46.32 -5.99 39.38
N GLY B 201 46.30 -4.68 39.10
CA GLY B 201 45.08 -3.87 38.86
C GLY B 201 44.76 -3.79 37.37
N LEU B 202 45.55 -4.46 36.53
CA LEU B 202 45.31 -4.63 35.07
C LEU B 202 43.86 -5.07 34.84
N ILE B 203 43.33 -5.95 35.69
CA ILE B 203 41.97 -6.54 35.57
C ILE B 203 40.90 -5.47 35.81
N VAL B 204 41.21 -4.42 36.58
CA VAL B 204 40.27 -3.29 36.87
C VAL B 204 40.59 -2.10 35.95
N LEU B 205 41.55 -2.26 35.04
CA LEU B 205 41.81 -1.31 33.91
C LEU B 205 41.11 -1.82 32.65
N VAL B 206 41.20 -3.13 32.38
CA VAL B 206 40.56 -3.78 31.19
C VAL B 206 39.04 -3.73 31.34
N VAL B 207 38.53 -3.87 32.57
CA VAL B 207 37.07 -3.76 32.91
C VAL B 207 36.63 -2.31 32.66
N MET B 208 37.50 -1.34 32.93
CA MET B 208 37.27 0.10 32.62
C MET B 208 37.26 0.29 31.10
N LEU B 209 38.29 -0.21 30.41
CA LEU B 209 38.53 0.02 28.96
C LEU B 209 37.56 -0.80 28.11
N LEU B 210 37.19 -2.02 28.56
CA LEU B 210 36.12 -2.85 27.93
C LEU B 210 34.84 -2.00 27.86
N SER B 211 34.44 -1.42 29.00
CA SER B 211 33.25 -0.56 29.17
C SER B 211 33.41 0.70 28.31
N LEU B 212 34.54 1.40 28.44
CA LEU B 212 34.85 2.68 27.76
C LEU B 212 34.81 2.49 26.23
N ASN B 213 35.33 1.35 25.75
CA ASN B 213 35.39 1.01 24.29
C ASN B 213 33.97 0.81 23.75
N VAL B 214 33.11 0.09 24.49
CA VAL B 214 31.73 -0.26 24.05
C VAL B 214 30.78 0.93 24.32
N VAL B 215 31.20 1.91 25.14
CA VAL B 215 30.45 3.16 25.40
C VAL B 215 30.40 3.99 24.10
N ILE B 216 31.52 4.06 23.38
CA ILE B 216 31.65 4.74 22.05
C ILE B 216 30.62 4.16 21.08
N THR B 217 30.51 2.82 21.04
CA THR B 217 29.47 2.08 20.26
C THR B 217 28.12 2.26 20.96
N LYS B 218 27.51 3.44 20.80
CA LYS B 218 26.26 3.86 21.50
C LYS B 218 25.04 3.34 20.73
N GLY B 219 24.51 2.19 21.14
CA GLY B 219 23.24 1.62 20.64
C GLY B 219 22.15 1.72 21.70
N ALA B 220 21.99 2.89 22.31
CA ALA B 220 21.00 3.19 23.37
C ALA B 220 20.75 4.70 23.45
N LEU B 227 19.68 4.85 27.46
CA LEU B 227 18.84 4.14 28.46
C LEU B 227 19.70 3.16 29.25
N TRP B 228 20.45 2.29 28.55
CA TRP B 228 21.29 1.21 29.12
C TRP B 228 22.76 1.64 29.19
N PHE B 229 23.16 2.62 28.37
CA PHE B 229 24.56 3.10 28.24
C PHE B 229 24.90 4.04 29.40
N PHE B 230 23.89 4.60 30.07
CA PHE B 230 24.03 5.51 31.24
C PHE B 230 24.79 4.78 32.35
N GLY B 231 24.41 3.53 32.62
CA GLY B 231 25.06 2.66 33.63
C GLY B 231 26.38 2.11 33.15
N LEU B 232 26.60 2.06 31.84
CA LEU B 232 27.86 1.56 31.20
C LEU B 232 28.94 2.65 31.25
N ILE B 233 28.55 3.91 31.50
CA ILE B 233 29.47 5.06 31.72
C ILE B 233 29.90 5.07 33.21
N ALA B 234 29.05 4.52 34.09
CA ALA B 234 29.32 4.40 35.54
C ALA B 234 30.50 3.44 35.77
N ILE B 235 30.41 2.23 35.21
CA ILE B 235 31.43 1.15 35.34
C ILE B 235 32.79 1.66 34.86
N VAL B 236 32.82 2.62 33.93
CA VAL B 236 34.05 3.32 33.44
C VAL B 236 34.57 4.22 34.57
N ILE B 237 33.71 5.11 35.09
CA ILE B 237 34.04 6.09 36.18
C ILE B 237 34.42 5.32 37.44
N VAL B 238 33.71 4.23 37.73
CA VAL B 238 33.99 3.38 38.92
C VAL B 238 35.39 2.79 38.80
N ALA B 239 35.57 1.87 37.85
CA ALA B 239 36.82 1.10 37.67
C ALA B 239 38.00 2.03 37.37
N PHE B 240 37.75 3.29 37.01
CA PHE B 240 38.77 4.36 36.81
C PHE B 240 39.34 4.78 38.17
N PHE B 241 38.47 5.17 39.11
CA PHE B 241 38.83 5.70 40.45
C PHE B 241 39.40 4.58 41.33
N ILE B 242 38.98 3.33 41.10
CA ILE B 242 39.51 2.13 41.81
C ILE B 242 40.95 1.87 41.34
N PHE B 243 41.21 2.00 40.03
CA PHE B 243 42.56 1.87 39.42
C PHE B 243 43.41 3.12 39.74
N LEU B 244 42.75 4.28 39.86
CA LEU B 244 43.39 5.57 40.26
C LEU B 244 43.95 5.45 41.68
N ASN B 245 43.22 4.77 42.58
CA ASN B 245 43.64 4.46 43.97
C ASN B 245 44.01 2.97 44.06
N VAL B 246 44.97 2.53 43.24
CA VAL B 246 45.48 1.12 43.18
C VAL B 246 46.64 1.06 42.18
N LYS B 258 54.40 3.78 37.19
CA LYS B 258 54.72 5.07 37.86
C LYS B 258 53.76 6.15 37.35
N LEU B 259 52.53 6.19 37.88
CA LEU B 259 51.47 7.15 37.49
C LEU B 259 51.78 8.53 38.06
N PHE B 260 52.89 9.14 37.62
CA PHE B 260 53.37 10.49 38.05
C PHE B 260 54.15 11.13 36.90
N GLU B 261 53.51 11.24 35.73
CA GLU B 261 54.11 11.72 34.46
C GLU B 261 53.98 13.26 34.37
N ASN B 262 55.12 13.96 34.37
CA ASN B 262 55.21 15.45 34.24
C ASN B 262 56.31 15.80 33.22
N LYS B 263 56.25 15.20 32.03
CA LYS B 263 57.25 15.36 30.94
C LYS B 263 56.58 15.89 29.68
N PRO B 264 57.35 16.28 28.64
CA PRO B 264 56.78 16.58 27.32
C PRO B 264 56.10 15.36 26.66
N TYR B 265 56.51 14.15 27.05
CA TYR B 265 55.87 12.86 26.66
C TYR B 265 54.36 12.93 26.93
N THR B 266 53.97 13.47 28.09
CA THR B 266 52.56 13.72 28.49
C THR B 266 51.90 14.63 27.45
N GLY B 267 52.56 15.73 27.09
CA GLY B 267 52.11 16.69 26.06
C GLY B 267 51.89 16.04 24.72
N ALA B 268 52.81 15.15 24.31
CA ALA B 268 52.78 14.40 23.03
C ALA B 268 51.58 13.45 22.99
N THR B 269 51.35 12.71 24.09
CA THR B 269 50.28 11.69 24.23
C THR B 269 48.90 12.37 24.23
N ILE B 270 48.77 13.49 24.96
CA ILE B 270 47.48 14.25 25.09
C ILE B 270 47.16 14.94 23.76
N SER B 271 48.19 15.42 23.05
CA SER B 271 48.05 16.05 21.70
C SER B 271 47.72 14.98 20.66
N ASN B 272 48.42 13.84 20.71
CA ASN B 272 48.23 12.67 19.79
C ASN B 272 46.78 12.20 19.88
N PHE B 273 46.20 12.19 21.08
CA PHE B 273 44.76 11.86 21.33
C PHE B 273 43.87 12.86 20.60
N LEU B 274 44.02 14.15 20.94
CA LEU B 274 43.22 15.27 20.38
C LEU B 274 43.32 15.26 18.84
N LEU B 275 44.54 15.11 18.31
CA LEU B 275 44.84 15.16 16.86
C LEU B 275 44.07 14.04 16.13
N ASN B 276 44.06 12.83 16.69
CA ASN B 276 43.41 11.63 16.08
C ASN B 276 41.87 11.73 16.23
N GLY B 277 41.37 12.75 16.94
CA GLY B 277 39.93 13.05 17.06
C GLY B 277 39.33 13.53 15.74
N VAL B 278 40.16 13.98 14.80
CA VAL B 278 39.74 14.51 13.47
C VAL B 278 39.63 13.35 12.46
N ALA B 279 39.87 12.10 12.91
CA ALA B 279 39.84 10.88 12.06
C ALA B 279 38.51 10.80 11.30
N GLY B 280 37.41 11.22 11.92
CA GLY B 280 36.06 11.24 11.33
C GLY B 280 36.00 12.03 10.03
N THR B 281 36.83 13.07 9.90
CA THR B 281 36.91 13.98 8.72
C THR B 281 36.72 13.19 7.42
N LEU B 282 37.49 12.12 7.22
CA LEU B 282 37.47 11.31 5.97
C LEU B 282 36.15 10.53 5.89
N ILE B 283 35.71 9.93 7.00
CA ILE B 283 34.46 9.12 7.08
C ILE B 283 33.28 10.02 6.68
N VAL B 284 33.18 11.21 7.29
CA VAL B 284 32.08 12.19 7.03
C VAL B 284 32.25 12.76 5.60
N ALA B 285 33.48 12.91 5.12
CA ALA B 285 33.80 13.41 3.76
C ALA B 285 33.44 12.34 2.72
N ASN B 286 33.93 11.12 2.90
CA ASN B 286 33.68 9.96 1.99
C ASN B 286 32.18 9.74 1.83
N THR B 287 31.41 9.96 2.91
CA THR B 287 29.92 9.86 2.92
C THR B 287 29.35 11.00 2.06
N PHE B 288 29.62 12.26 2.45
CA PHE B 288 29.13 13.49 1.79
C PHE B 288 29.36 13.40 0.28
N VAL B 289 30.59 13.08 -0.12
CA VAL B 289 31.03 12.96 -1.55
C VAL B 289 30.15 11.92 -2.26
N GLN B 290 29.87 10.79 -1.61
CA GLN B 290 29.25 9.59 -2.23
C GLN B 290 27.71 9.69 -2.17
N GLN B 291 27.15 10.33 -1.13
CA GLN B 291 25.69 10.44 -0.90
C GLN B 291 25.19 11.80 -1.42
N GLY B 292 25.80 12.90 -0.93
CA GLY B 292 25.39 14.29 -1.23
C GLY B 292 25.69 14.69 -2.66
N LEU B 293 26.89 14.38 -3.16
CA LEU B 293 27.38 14.76 -4.52
C LEU B 293 27.21 13.58 -5.49
N GLY B 294 26.82 12.41 -4.99
CA GLY B 294 26.39 11.24 -5.80
C GLY B 294 27.50 10.68 -6.66
N TYR B 295 28.76 10.73 -6.20
CA TYR B 295 29.94 10.14 -6.89
C TYR B 295 29.92 8.63 -6.73
N THR B 296 30.79 7.92 -7.47
CA THR B 296 30.94 6.45 -7.42
C THR B 296 31.85 6.07 -6.25
N ALA B 297 32.10 4.77 -6.07
CA ALA B 297 32.95 4.19 -5.00
C ALA B 297 34.43 4.47 -5.28
N LEU B 298 34.82 4.49 -6.57
CA LEU B 298 36.23 4.61 -7.01
C LEU B 298 36.74 6.03 -6.77
N GLN B 299 36.05 7.04 -7.30
CA GLN B 299 36.39 8.48 -7.13
C GLN B 299 36.58 8.79 -5.64
N ALA B 300 35.70 8.25 -4.80
CA ALA B 300 35.76 8.34 -3.32
C ALA B 300 37.07 7.71 -2.83
N GLY B 301 37.42 6.54 -3.38
CA GLY B 301 38.68 5.81 -3.08
C GLY B 301 39.91 6.53 -3.61
N TYR B 302 39.79 7.20 -4.75
CA TYR B 302 40.89 7.98 -5.40
C TYR B 302 41.21 9.21 -4.54
N LEU B 303 40.18 9.93 -4.06
CA LEU B 303 40.34 11.05 -3.09
C LEU B 303 41.03 10.53 -1.82
N SER B 304 40.70 9.31 -1.40
CA SER B 304 41.20 8.67 -0.15
C SER B 304 42.65 8.22 -0.33
N ILE B 305 42.97 7.53 -1.42
CA ILE B 305 44.32 6.96 -1.70
C ILE B 305 45.29 8.09 -2.06
N THR B 306 44.76 9.24 -2.49
CA THR B 306 45.50 10.51 -2.70
C THR B 306 45.96 11.05 -1.33
N TYR B 307 45.09 10.99 -0.32
CA TYR B 307 45.39 11.32 1.10
C TYR B 307 46.41 10.32 1.65
N LEU B 308 46.24 9.03 1.32
CA LEU B 308 47.06 7.90 1.84
C LEU B 308 48.53 8.08 1.42
N ILE B 309 48.78 8.25 0.12
CA ILE B 309 50.17 8.39 -0.44
C ILE B 309 50.78 9.70 0.07
N MET B 310 49.97 10.74 0.24
CA MET B 310 50.40 12.09 0.71
C MET B 310 50.89 12.01 2.16
N VAL B 311 50.13 11.32 3.04
CA VAL B 311 50.46 11.18 4.48
C VAL B 311 51.67 10.24 4.65
N LEU B 312 51.88 9.34 3.69
CA LEU B 312 52.97 8.33 3.71
C LEU B 312 54.29 8.95 3.21
N LEU B 313 54.20 9.98 2.36
CA LEU B 313 55.38 10.72 1.80
C LEU B 313 55.52 12.06 2.51
N MET B 314 55.22 12.11 3.81
CA MET B 314 55.36 13.31 4.68
C MET B 314 55.75 12.92 6.11
N ILE B 315 55.66 11.63 6.47
CA ILE B 315 56.31 11.05 7.68
C ILE B 315 57.82 10.96 7.44
N ARG B 316 58.22 10.82 6.16
CA ARG B 316 59.63 10.89 5.71
C ARG B 316 60.13 12.34 5.82
N VAL B 317 59.32 13.31 5.36
CA VAL B 317 59.63 14.77 5.36
C VAL B 317 59.50 15.32 6.79
N GLY B 318 58.64 14.71 7.60
CA GLY B 318 58.48 15.03 9.03
C GLY B 318 59.73 14.65 9.83
N GLU B 319 60.43 13.60 9.38
CA GLU B 319 61.72 13.12 9.95
C GLU B 319 62.78 14.21 9.75
N LYS B 320 62.95 14.68 8.52
CA LYS B 320 63.89 15.77 8.12
C LYS B 320 63.47 17.08 8.81
N LEU B 321 62.17 17.32 8.95
CA LEU B 321 61.58 18.50 9.66
C LEU B 321 62.17 18.56 11.08
N LEU B 322 62.43 17.41 11.70
CA LEU B 322 63.13 17.26 13.00
C LEU B 322 64.61 16.94 12.74
N SER B 327 61.01 19.44 16.88
CA SER B 327 60.09 18.54 17.63
C SER B 327 58.69 19.18 17.73
N LYS B 328 58.59 20.32 18.41
CA LYS B 328 57.31 21.06 18.67
C LYS B 328 56.89 21.83 17.42
N ARG B 329 57.86 22.40 16.69
CA ARG B 329 57.65 23.24 15.47
C ARG B 329 56.82 22.46 14.44
N PRO B 330 57.27 21.29 13.95
CA PRO B 330 56.53 20.55 12.93
C PRO B 330 55.17 20.01 13.40
N MET B 331 55.07 19.64 14.69
CA MET B 331 53.82 19.14 15.33
C MET B 331 52.77 20.25 15.36
N LEU B 332 53.19 21.52 15.42
CA LEU B 332 52.31 22.72 15.36
C LEU B 332 51.89 22.99 13.92
N LEU B 333 52.79 22.75 12.96
CA LEU B 333 52.53 22.92 11.50
C LEU B 333 51.55 21.84 11.01
N GLY B 334 51.75 20.60 11.46
CA GLY B 334 50.88 19.44 11.15
C GLY B 334 49.47 19.65 11.66
N THR B 335 49.32 19.95 12.96
CA THR B 335 48.03 20.17 13.65
C THR B 335 47.33 21.42 13.10
N PHE B 336 48.10 22.36 12.54
CA PHE B 336 47.58 23.60 11.91
C PHE B 336 47.01 23.27 10.53
N ILE B 337 47.88 22.83 9.61
CA ILE B 337 47.58 22.68 8.14
C ILE B 337 46.39 21.73 7.94
N VAL B 338 46.21 20.73 8.82
CA VAL B 338 45.06 19.79 8.78
C VAL B 338 43.76 20.56 8.97
N VAL B 339 43.73 21.52 9.91
CA VAL B 339 42.53 22.34 10.27
C VAL B 339 42.08 23.11 9.02
N ILE B 340 43.04 23.56 8.20
CA ILE B 340 42.77 24.19 6.87
C ILE B 340 42.25 23.12 5.92
N GLY B 341 42.87 21.93 5.93
CA GLY B 341 42.45 20.75 5.16
C GLY B 341 41.00 20.35 5.44
N ILE B 342 40.54 20.52 6.68
CA ILE B 342 39.13 20.30 7.11
C ILE B 342 38.27 21.42 6.50
N ALA B 343 38.65 22.68 6.71
CA ALA B 343 37.96 23.89 6.23
C ALA B 343 37.81 23.84 4.70
N LEU B 344 38.83 23.37 3.98
CA LEU B 344 38.82 23.22 2.50
C LEU B 344 37.74 22.21 2.08
N ILE B 345 37.54 21.15 2.85
CA ILE B 345 36.52 20.08 2.60
C ILE B 345 35.17 20.53 3.17
N SER B 346 35.17 21.44 4.14
CA SER B 346 33.93 22.03 4.76
C SER B 346 33.26 22.97 3.74
N LEU B 347 34.05 23.76 3.02
CA LEU B 347 33.57 24.83 2.09
C LEU B 347 33.00 24.22 0.80
N VAL B 348 33.20 22.91 0.56
CA VAL B 348 32.63 22.18 -0.62
C VAL B 348 31.16 21.85 -0.33
N PHE B 349 30.64 22.26 0.84
CA PHE B 349 29.20 22.19 1.21
C PHE B 349 28.46 23.43 0.73
N LEU B 350 29.19 24.47 0.29
CA LEU B 350 28.66 25.66 -0.43
C LEU B 350 29.48 25.87 -1.71
N PRO B 351 29.42 24.93 -2.68
CA PRO B 351 30.36 24.88 -3.80
C PRO B 351 29.84 25.38 -5.15
N GLY B 352 30.65 25.17 -6.20
CA GLY B 352 30.27 25.23 -7.62
C GLY B 352 30.57 23.91 -8.31
N ILE B 353 30.75 23.93 -9.64
CA ILE B 353 30.97 22.72 -10.50
C ILE B 353 32.43 22.27 -10.39
N PHE B 354 33.37 23.22 -10.33
CA PHE B 354 34.83 22.97 -10.21
C PHE B 354 35.30 23.31 -8.80
N TYR B 355 34.54 22.84 -7.79
CA TYR B 355 34.86 22.96 -6.34
C TYR B 355 35.41 21.61 -5.84
N VAL B 356 35.47 20.62 -6.72
CA VAL B 356 36.14 19.30 -6.49
C VAL B 356 37.59 19.55 -6.06
N ILE B 357 38.22 20.61 -6.59
CA ILE B 357 39.60 21.05 -6.23
C ILE B 357 39.64 21.32 -4.72
N SER B 358 38.84 22.28 -4.24
CA SER B 358 38.73 22.67 -2.81
C SER B 358 38.67 21.43 -1.92
N CYS B 359 37.92 20.40 -2.34
CA CYS B 359 37.81 19.08 -1.66
C CYS B 359 39.15 18.33 -1.80
N VAL B 360 39.65 18.17 -3.03
CA VAL B 360 40.89 17.42 -3.35
C VAL B 360 42.07 18.02 -2.57
N VAL B 361 42.31 19.33 -2.72
CA VAL B 361 43.45 20.04 -2.05
C VAL B 361 43.33 19.88 -0.53
N GLY B 362 42.09 19.77 -0.02
CA GLY B 362 41.81 19.47 1.40
C GLY B 362 42.35 18.12 1.81
N TYR B 363 42.06 17.07 1.03
CA TYR B 363 42.55 15.68 1.26
C TYR B 363 44.08 15.65 1.30
N LEU B 364 44.73 16.41 0.42
CA LEU B 364 46.21 16.56 0.40
C LEU B 364 46.65 17.36 1.63
N CYS B 365 46.05 18.54 1.83
CA CYS B 365 46.29 19.46 2.97
C CYS B 365 46.13 18.70 4.30
N PHE B 366 45.10 17.85 4.38
CA PHE B 366 44.79 16.98 5.55
C PHE B 366 45.85 15.87 5.65
N GLY B 367 46.10 15.17 4.55
CA GLY B 367 47.06 14.05 4.45
C GLY B 367 48.46 14.46 4.86
N LEU B 368 48.99 15.53 4.28
CA LEU B 368 50.40 15.98 4.48
C LEU B 368 50.60 16.44 5.93
N GLY B 369 49.58 17.06 6.53
CA GLY B 369 49.63 17.59 7.91
C GLY B 369 49.83 16.48 8.92
N LEU B 370 49.05 15.40 8.82
CA LEU B 370 49.15 14.18 9.67
C LEU B 370 50.56 13.58 9.54
N GLY B 371 51.10 13.55 8.32
CA GLY B 371 52.45 13.02 8.02
C GLY B 371 53.54 13.83 8.73
N ILE B 372 53.43 15.16 8.67
CA ILE B 372 54.39 16.13 9.29
C ILE B 372 54.30 16.03 10.82
N TYR B 373 53.26 15.39 11.36
CA TYR B 373 53.16 15.34 12.84
C TYR B 373 53.56 13.96 13.37
N ALA B 374 53.37 12.93 12.55
CA ALA B 374 53.55 11.56 13.08
C ALA B 374 54.97 11.29 13.60
N THR B 375 56.01 11.56 12.82
CA THR B 375 57.36 11.22 13.35
C THR B 375 57.68 12.07 14.57
N PRO B 376 57.42 13.39 14.57
CA PRO B 376 57.74 14.18 15.73
C PRO B 376 57.02 13.69 16.97
N SER B 377 55.71 13.45 16.94
CA SER B 377 55.08 13.02 18.20
C SER B 377 55.50 11.59 18.56
N THR B 378 55.69 10.70 17.59
CA THR B 378 56.04 9.30 17.91
C THR B 378 57.44 9.28 18.51
N ASP B 379 58.26 10.24 18.10
CA ASP B 379 59.67 10.35 18.58
C ASP B 379 59.70 11.12 19.90
N THR B 380 58.98 12.25 19.98
CA THR B 380 58.87 13.11 21.18
C THR B 380 58.37 12.29 22.38
N ALA B 381 57.51 11.30 22.13
CA ALA B 381 56.96 10.37 23.14
C ALA B 381 58.00 9.27 23.46
N ILE B 382 58.48 8.57 22.42
CA ILE B 382 59.41 7.41 22.53
C ILE B 382 60.76 7.87 23.11
N SER B 383 61.11 9.15 22.93
CA SER B 383 62.36 9.76 23.44
C SER B 383 62.28 9.94 24.97
N ASN B 384 61.39 10.82 25.44
CA ASN B 384 61.27 11.22 26.87
C ASN B 384 60.84 10.03 27.72
N ALA B 385 60.15 9.06 27.12
CA ALA B 385 59.76 7.77 27.77
C ALA B 385 61.02 7.12 28.35
N PRO B 386 61.14 7.00 29.69
CA PRO B 386 62.37 6.51 30.31
C PRO B 386 62.69 5.06 29.91
N LEU B 387 63.97 4.78 29.63
CA LEU B 387 64.47 3.45 29.15
C LEU B 387 64.05 2.35 30.12
N ASP B 388 63.95 2.65 31.42
CA ASP B 388 63.50 1.73 32.48
C ASP B 388 62.04 1.31 32.24
N LYS B 389 61.19 2.25 31.81
CA LYS B 389 59.73 2.05 31.60
C LYS B 389 59.32 2.62 30.23
N VAL B 390 59.49 1.83 29.17
CA VAL B 390 59.12 2.17 27.77
C VAL B 390 57.87 1.38 27.38
N GLY B 391 57.88 0.06 27.60
CA GLY B 391 56.79 -0.87 27.28
C GLY B 391 55.45 -0.40 27.81
N VAL B 392 55.43 0.15 29.03
CA VAL B 392 54.22 0.72 29.69
C VAL B 392 53.90 2.06 29.02
N ALA B 393 54.93 2.89 28.79
CA ALA B 393 54.82 4.26 28.24
C ALA B 393 54.32 4.22 26.79
N SER B 394 54.90 3.34 25.97
CA SER B 394 54.56 3.16 24.52
C SER B 394 53.11 2.64 24.38
N GLY B 395 52.71 1.71 25.25
CA GLY B 395 51.35 1.13 25.29
C GLY B 395 50.29 2.19 25.54
N ILE B 396 50.59 3.17 26.42
CA ILE B 396 49.70 4.30 26.78
C ILE B 396 49.56 5.24 25.58
N TYR B 397 50.66 5.55 24.89
CA TYR B 397 50.70 6.40 23.67
C TYR B 397 49.90 5.71 22.56
N ALA B 398 50.03 4.39 22.44
CA ALA B 398 49.31 3.54 21.46
C ALA B 398 47.82 3.48 21.81
N MET B 399 47.49 3.39 23.10
CA MET B 399 46.09 3.38 23.62
C MET B 399 45.46 4.76 23.37
N ALA B 400 46.15 5.84 23.76
CA ALA B 400 45.71 7.24 23.62
C ALA B 400 45.41 7.56 22.15
N SER B 401 46.24 7.04 21.24
CA SER B 401 46.07 7.15 19.76
C SER B 401 44.76 6.47 19.33
N SER B 402 44.50 5.27 19.86
CA SER B 402 43.34 4.40 19.51
C SER B 402 42.03 5.03 20.03
N LEU B 403 41.97 5.37 21.32
CA LEU B 403 40.78 5.97 21.98
C LEU B 403 40.43 7.30 21.30
N GLY B 404 41.44 8.07 20.91
CA GLY B 404 41.28 9.35 20.19
C GLY B 404 40.44 9.17 18.93
N GLY B 405 40.78 8.18 18.11
CA GLY B 405 40.07 7.83 16.85
C GLY B 405 38.62 7.45 17.12
N ALA B 406 38.39 6.51 18.03
CA ALA B 406 37.05 6.02 18.44
C ALA B 406 36.19 7.20 18.91
N PHE B 407 36.70 7.97 19.88
CA PHE B 407 36.05 9.16 20.48
C PHE B 407 35.72 10.19 19.38
N GLY B 408 36.61 10.34 18.39
CA GLY B 408 36.46 11.27 17.26
C GLY B 408 35.34 10.83 16.33
N VAL B 409 35.46 9.64 15.75
CA VAL B 409 34.50 9.06 14.76
C VAL B 409 33.08 9.12 15.35
N ALA B 410 32.91 8.65 16.59
CA ALA B 410 31.63 8.57 17.32
C ALA B 410 30.97 9.96 17.34
N ILE B 411 31.73 11.00 17.68
CA ILE B 411 31.25 12.41 17.70
C ILE B 411 30.91 12.82 16.26
N SER B 412 31.88 12.69 15.34
CA SER B 412 31.75 13.08 13.90
C SER B 412 30.49 12.46 13.29
N GLY B 413 30.26 11.16 13.54
CA GLY B 413 29.10 10.41 13.03
C GLY B 413 27.81 10.88 13.67
N ALA B 414 27.74 10.85 15.00
CA ALA B 414 26.55 11.24 15.81
C ALA B 414 26.09 12.63 15.39
N VAL B 415 27.02 13.58 15.29
CA VAL B 415 26.75 15.00 14.89
C VAL B 415 26.16 14.99 13.48
N TYR B 416 26.84 14.36 12.52
CA TYR B 416 26.41 14.22 11.10
C TYR B 416 24.99 13.65 11.05
N ALA B 417 24.77 12.50 11.70
CA ALA B 417 23.48 11.77 11.77
C ALA B 417 22.40 12.67 12.40
N GLY B 418 22.77 13.46 13.40
CA GLY B 418 21.86 14.41 14.09
C GLY B 418 21.59 15.64 13.23
N ALA B 419 22.64 16.23 12.65
CA ALA B 419 22.59 17.48 11.85
C ALA B 419 21.87 17.21 10.53
N VAL B 420 22.19 16.10 9.85
CA VAL B 420 21.60 15.71 8.54
C VAL B 420 20.10 15.40 8.69
N ALA B 421 19.67 14.99 9.89
CA ALA B 421 18.27 14.68 10.24
C ALA B 421 17.52 16.00 10.40
N ALA B 422 18.07 16.91 11.22
CA ALA B 422 17.52 18.26 11.52
C ALA B 422 17.51 19.11 10.25
N THR B 423 18.67 19.21 9.58
CA THR B 423 18.88 20.02 8.33
C THR B 423 19.08 18.96 7.26
N SER B 424 19.79 19.30 6.17
CA SER B 424 20.09 18.40 5.01
C SER B 424 21.51 17.81 5.00
N ILE B 425 21.86 17.11 3.93
CA ILE B 425 23.18 16.42 3.74
C ILE B 425 24.30 17.48 3.71
N HIS B 426 24.15 18.51 2.89
CA HIS B 426 25.15 19.60 2.69
C HIS B 426 25.34 20.39 3.98
N THR B 427 24.24 20.90 4.55
CA THR B 427 24.21 21.68 5.82
C THR B 427 24.75 20.81 6.96
N GLY B 428 24.26 19.58 7.08
CA GLY B 428 24.63 18.61 8.12
C GLY B 428 26.12 18.29 8.10
N ALA B 429 26.68 18.06 6.91
CA ALA B 429 28.12 17.76 6.68
C ALA B 429 28.98 18.83 7.33
N MET B 430 28.72 20.11 7.03
CA MET B 430 29.47 21.27 7.58
C MET B 430 29.50 21.20 9.11
N ILE B 431 28.33 21.08 9.73
CA ILE B 431 28.15 21.00 11.21
C ILE B 431 29.09 19.91 11.76
N ALA B 432 29.17 18.76 11.07
CA ALA B 432 30.03 17.61 11.44
C ALA B 432 31.50 17.93 11.17
N LEU B 433 31.81 18.49 10.00
CA LEU B 433 33.18 18.90 9.59
C LEU B 433 33.70 20.00 10.52
N TRP B 434 32.83 20.93 10.93
CA TRP B 434 33.16 22.05 11.86
C TRP B 434 33.58 21.50 13.22
N VAL B 435 32.89 20.46 13.71
CA VAL B 435 33.20 19.79 15.00
C VAL B 435 34.60 19.17 14.92
N ASN B 436 35.02 18.72 13.72
CA ASN B 436 36.39 18.18 13.48
C ASN B 436 37.42 19.32 13.57
N VAL B 437 37.05 20.54 13.14
CA VAL B 437 37.93 21.76 13.21
C VAL B 437 38.23 22.05 14.68
N LEU B 438 37.21 22.05 15.54
CA LEU B 438 37.31 22.36 16.99
C LEU B 438 38.38 21.47 17.64
N MET B 439 38.34 20.16 17.35
CA MET B 439 39.29 19.15 17.89
C MET B 439 40.68 19.38 17.30
N GLY B 440 40.75 19.73 16.00
CA GLY B 440 41.99 20.08 15.30
C GLY B 440 42.66 21.30 15.89
N ILE B 441 41.86 22.30 16.29
CA ILE B 441 42.33 23.55 16.98
C ILE B 441 42.76 23.19 18.40
N MET B 442 41.97 22.35 19.10
CA MET B 442 42.28 21.85 20.47
C MET B 442 43.55 20.98 20.41
N ALA B 443 43.80 20.31 19.28
CA ALA B 443 45.03 19.53 19.02
C ALA B 443 46.21 20.46 18.79
N PHE B 444 45.97 21.63 18.17
CA PHE B 444 46.96 22.72 17.95
C PHE B 444 47.21 23.45 19.27
N ILE B 445 46.19 23.59 20.11
CA ILE B 445 46.26 24.21 21.48
C ILE B 445 46.87 23.20 22.45
N ALA B 446 46.73 21.89 22.18
CA ALA B 446 47.27 20.79 23.02
C ALA B 446 48.80 20.81 23.01
N ILE B 447 49.41 21.37 21.96
CA ILE B 447 50.90 21.46 21.80
C ILE B 447 51.44 22.53 22.75
N LEU B 448 50.61 23.51 23.13
CA LEU B 448 50.94 24.57 24.12
C LEU B 448 51.56 23.94 25.38
N PHE B 449 51.05 22.77 25.79
CA PHE B 449 51.53 21.99 26.96
C PHE B 449 52.47 20.86 26.48
N ALA B 450 53.39 21.19 25.56
CA ALA B 450 54.47 20.31 25.06
C ALA B 450 55.67 21.17 24.69
N ILE B 451 56.39 21.67 25.71
CA ILE B 451 57.45 22.73 25.59
C ILE B 451 58.61 22.22 24.76
N PRO B 452 59.42 23.12 24.14
CA PRO B 452 60.60 22.73 23.37
C PRO B 452 61.62 21.95 24.22
N GLN C 1 -24.70 -9.74 -8.31
CA GLN C 1 -23.58 -9.94 -9.28
C GLN C 1 -22.93 -8.58 -9.59
N VAL C 2 -22.65 -7.77 -8.57
CA VAL C 2 -21.85 -6.51 -8.68
C VAL C 2 -20.47 -6.76 -8.05
N GLN C 3 -19.44 -6.13 -8.60
CA GLN C 3 -18.02 -6.27 -8.16
C GLN C 3 -17.40 -4.87 -8.06
N LEU C 4 -17.12 -4.41 -6.83
CA LEU C 4 -16.37 -3.16 -6.57
C LEU C 4 -14.87 -3.46 -6.68
N GLU C 5 -14.27 -3.21 -7.86
CA GLU C 5 -12.82 -3.35 -8.08
C GLU C 5 -12.15 -2.01 -7.75
N GLU C 6 -11.24 -2.01 -6.76
CA GLU C 6 -10.60 -0.80 -6.18
C GLU C 6 -9.07 -0.91 -6.29
N SER C 7 -8.40 0.23 -6.36
CA SER C 7 -6.93 0.36 -6.61
C SER C 7 -6.41 1.67 -6.00
N GLY C 8 -5.09 1.85 -6.00
CA GLY C 8 -4.39 3.03 -5.44
C GLY C 8 -3.94 2.80 -4.02
N GLY C 9 -3.81 3.88 -3.24
CA GLY C 9 -3.34 3.84 -1.84
C GLY C 9 -1.85 3.60 -1.76
N GLY C 10 -1.41 2.84 -0.75
CA GLY C 10 0.00 2.45 -0.55
C GLY C 10 0.66 3.25 0.57
N SER C 11 1.97 3.07 0.75
CA SER C 11 2.79 3.72 1.81
C SER C 11 3.31 5.07 1.30
N VAL C 12 3.48 6.04 2.20
CA VAL C 12 4.03 7.40 1.88
C VAL C 12 4.48 8.07 3.18
N GLN C 13 5.32 9.11 3.08
CA GLN C 13 5.75 9.98 4.21
C GLN C 13 4.54 10.81 4.67
N ALA C 14 4.58 11.31 5.91
CA ALA C 14 3.55 12.18 6.52
C ALA C 14 3.46 13.50 5.74
N GLY C 15 2.28 14.11 5.73
CA GLY C 15 1.99 15.37 5.00
C GLY C 15 2.18 15.22 3.50
N GLY C 16 1.80 14.06 2.95
CA GLY C 16 1.97 13.71 1.52
C GLY C 16 0.64 13.58 0.81
N SER C 17 0.61 12.85 -0.31
CA SER C 17 -0.58 12.64 -1.17
C SER C 17 -0.68 11.17 -1.60
N LEU C 18 -1.90 10.63 -1.59
CA LEU C 18 -2.23 9.24 -2.01
C LEU C 18 -3.62 9.20 -2.65
N ARG C 19 -3.69 8.80 -3.92
CA ARG C 19 -4.95 8.58 -4.67
C ARG C 19 -5.55 7.23 -4.24
N LEU C 20 -6.88 7.16 -4.14
CA LEU C 20 -7.65 5.90 -3.96
C LEU C 20 -8.82 5.90 -4.95
N SER C 21 -8.77 5.06 -5.97
CA SER C 21 -9.81 4.91 -7.02
C SER C 21 -10.59 3.62 -6.81
N CYS C 22 -11.89 3.62 -7.15
CA CYS C 22 -12.83 2.47 -7.01
C CYS C 22 -13.95 2.59 -8.04
N ALA C 23 -14.26 1.48 -8.73
CA ALA C 23 -15.29 1.40 -9.80
C ALA C 23 -16.21 0.20 -9.54
N ALA C 24 -17.50 0.36 -9.84
CA ALA C 24 -18.56 -0.67 -9.70
C ALA C 24 -18.87 -1.26 -11.08
N SER C 25 -18.55 -2.54 -11.27
CA SER C 25 -18.79 -3.30 -12.52
C SER C 25 -20.23 -3.80 -12.56
N GLY C 26 -20.96 -3.48 -13.63
CA GLY C 26 -22.32 -3.97 -13.92
C GLY C 26 -23.31 -3.62 -12.83
N TYR C 27 -23.23 -2.41 -12.27
CA TYR C 27 -24.20 -1.85 -11.30
C TYR C 27 -25.07 -0.83 -12.04
N MET C 28 -26.23 -1.29 -12.53
CA MET C 28 -27.14 -0.50 -13.41
C MET C 28 -28.04 0.39 -12.56
N TYR C 29 -28.47 1.52 -13.12
CA TYR C 29 -29.35 2.54 -12.49
C TYR C 29 -30.81 2.23 -12.87
N SER C 30 -31.72 2.27 -11.90
CA SER C 30 -33.17 2.07 -12.11
C SER C 30 -33.76 3.29 -12.84
N THR C 31 -35.05 3.22 -13.20
CA THR C 31 -35.73 4.17 -14.12
C THR C 31 -35.62 5.62 -13.61
N TYR C 32 -35.63 5.85 -12.29
CA TYR C 32 -35.48 7.18 -11.66
C TYR C 32 -34.66 7.06 -10.37
N SER C 33 -33.45 6.49 -10.44
CA SER C 33 -32.62 6.15 -9.26
C SER C 33 -31.12 6.32 -9.55
N THR C 34 -30.34 6.33 -8.46
CA THR C 34 -28.85 6.34 -8.43
C THR C 34 -28.40 5.65 -7.14
N TYR C 35 -27.09 5.56 -6.90
CA TYR C 35 -26.50 4.97 -5.67
C TYR C 35 -25.32 5.82 -5.20
N CYS C 36 -25.01 5.74 -3.90
CA CYS C 36 -23.90 6.46 -3.22
C CYS C 36 -22.69 5.52 -3.13
N MET C 37 -21.48 6.09 -3.15
CA MET C 37 -20.20 5.33 -3.25
C MET C 37 -19.10 6.11 -2.51
N GLY C 38 -18.32 5.42 -1.68
CA GLY C 38 -17.26 6.04 -0.86
C GLY C 38 -16.39 5.03 -0.14
N TRP C 39 -15.61 5.50 0.84
CA TRP C 39 -14.60 4.69 1.59
C TRP C 39 -14.89 4.74 3.10
N PHE C 40 -14.65 3.61 3.77
CA PHE C 40 -14.56 3.47 5.24
C PHE C 40 -13.14 2.99 5.59
N ARG C 41 -12.51 3.60 6.60
CA ARG C 41 -11.17 3.19 7.11
C ARG C 41 -11.34 2.42 8.42
N GLN C 42 -10.38 1.56 8.76
CA GLN C 42 -10.34 0.79 10.03
C GLN C 42 -8.89 0.45 10.38
N ALA C 43 -8.27 1.22 11.27
CA ALA C 43 -6.91 1.01 11.80
C ALA C 43 -6.91 -0.25 12.66
N PRO C 44 -5.74 -0.92 12.86
CA PRO C 44 -5.70 -2.19 13.59
C PRO C 44 -6.39 -2.17 14.95
N GLY C 45 -6.36 -1.04 15.65
CA GLY C 45 -6.96 -0.84 16.99
C GLY C 45 -8.38 -0.31 16.91
N LYS C 46 -8.58 0.83 16.25
CA LYS C 46 -9.85 1.61 16.20
C LYS C 46 -10.93 0.82 15.44
N GLU C 47 -12.20 1.17 15.66
CA GLU C 47 -13.38 0.53 15.02
C GLU C 47 -13.68 1.23 13.69
N ARG C 48 -14.37 0.53 12.78
CA ARG C 48 -14.70 1.00 11.40
C ARG C 48 -15.28 2.42 11.45
N GLU C 49 -14.83 3.29 10.54
CA GLU C 49 -15.19 4.73 10.48
C GLU C 49 -15.28 5.17 9.00
N GLY C 50 -16.34 5.89 8.64
CA GLY C 50 -16.54 6.45 7.29
C GLY C 50 -15.58 7.58 7.00
N VAL C 51 -15.14 7.71 5.74
CA VAL C 51 -14.16 8.74 5.29
C VAL C 51 -14.90 9.76 4.39
N ALA C 52 -15.16 9.41 3.14
CA ALA C 52 -15.79 10.29 2.12
C ALA C 52 -16.72 9.47 1.22
N PHE C 53 -17.84 10.07 0.82
CA PHE C 53 -18.91 9.45 0.00
C PHE C 53 -19.42 10.44 -1.05
N ILE C 54 -19.87 9.93 -2.20
CA ILE C 54 -20.45 10.74 -3.32
C ILE C 54 -21.63 9.99 -3.93
N LYS C 55 -22.72 10.70 -4.21
CA LYS C 55 -23.90 10.20 -4.95
C LYS C 55 -23.64 10.36 -6.45
N ARG C 56 -23.66 9.25 -7.19
CA ARG C 56 -23.20 9.16 -8.61
C ARG C 56 -24.08 10.02 -9.52
N GLY C 57 -25.33 10.24 -9.14
CA GLY C 57 -26.35 10.93 -9.97
C GLY C 57 -26.03 12.40 -10.20
N ASP C 58 -25.80 13.16 -9.13
CA ASP C 58 -25.71 14.64 -9.15
C ASP C 58 -24.37 15.14 -8.59
N HIS C 59 -23.41 14.23 -8.35
CA HIS C 59 -22.04 14.53 -7.87
C HIS C 59 -22.08 15.19 -6.48
N SER C 60 -23.12 14.91 -5.69
CA SER C 60 -23.29 15.41 -4.30
C SER C 60 -22.39 14.60 -3.36
N THR C 61 -21.47 15.27 -2.65
CA THR C 61 -20.42 14.64 -1.81
C THR C 61 -20.67 14.91 -0.33
N TYR C 62 -20.07 14.09 0.53
CA TYR C 62 -20.04 14.26 2.02
C TYR C 62 -18.77 13.63 2.58
N TYR C 63 -18.12 14.32 3.53
CA TYR C 63 -16.86 13.90 4.20
C TYR C 63 -17.09 13.80 5.72
N THR C 64 -16.26 13.00 6.39
CA THR C 64 -16.14 12.96 7.88
C THR C 64 -15.33 14.20 8.30
N ASP C 65 -15.49 14.65 9.55
CA ASP C 65 -14.84 15.86 10.12
C ASP C 65 -13.31 15.70 10.03
N SER C 66 -12.80 14.49 10.34
CA SER C 66 -11.36 14.14 10.42
C SER C 66 -10.60 14.67 9.20
N VAL C 67 -11.04 14.31 7.99
CA VAL C 67 -10.28 14.48 6.72
C VAL C 67 -10.73 15.75 5.98
N LYS C 68 -11.89 16.32 6.34
CA LYS C 68 -12.56 17.45 5.64
C LYS C 68 -11.52 18.49 5.20
N GLY C 69 -11.57 18.92 3.94
CA GLY C 69 -10.69 19.95 3.36
C GLY C 69 -9.47 19.36 2.69
N ARG C 70 -8.82 18.37 3.32
CA ARG C 70 -7.58 17.70 2.83
C ARG C 70 -7.96 16.70 1.73
N PHE C 71 -8.87 15.78 2.05
CA PHE C 71 -9.40 14.74 1.13
C PHE C 71 -10.43 15.39 0.19
N THR C 72 -10.52 14.89 -1.05
CA THR C 72 -11.51 15.32 -2.08
C THR C 72 -11.94 14.12 -2.92
N ILE C 73 -13.17 13.64 -2.68
CA ILE C 73 -13.83 12.55 -3.47
C ILE C 73 -14.53 13.19 -4.68
N SER C 74 -14.53 12.49 -5.82
CA SER C 74 -15.16 12.93 -7.09
C SER C 74 -15.19 11.75 -8.07
N GLN C 75 -15.94 11.89 -9.14
CA GLN C 75 -15.97 10.73 -10.02
C GLN C 75 -15.53 11.18 -11.39
N ASP C 76 -14.62 10.44 -12.00
CA ASP C 76 -14.16 10.82 -13.35
C ASP C 76 -15.26 10.28 -14.26
N SER C 77 -16.25 11.12 -14.54
CA SER C 77 -17.51 10.66 -15.16
C SER C 77 -17.31 9.94 -16.49
N ALA C 78 -16.48 10.47 -17.38
CA ALA C 78 -16.32 9.77 -18.67
C ALA C 78 -15.67 8.40 -18.46
N LYS C 79 -14.73 8.25 -17.52
CA LYS C 79 -14.04 6.95 -17.33
C LYS C 79 -14.81 6.06 -16.36
N ASN C 80 -15.91 6.55 -15.81
CA ASN C 80 -16.79 5.78 -14.90
C ASN C 80 -16.03 5.27 -13.67
N THR C 81 -15.59 6.17 -12.79
CA THR C 81 -14.97 5.70 -11.55
C THR C 81 -14.97 6.80 -10.50
N VAL C 82 -15.18 6.48 -9.21
CA VAL C 82 -15.03 7.40 -8.04
C VAL C 82 -13.60 7.25 -7.52
N SER C 83 -12.95 8.36 -7.16
CA SER C 83 -11.56 8.39 -6.65
C SER C 83 -11.41 9.43 -5.54
N LEU C 84 -10.93 8.99 -4.38
CA LEU C 84 -10.70 9.81 -3.16
C LEU C 84 -9.25 10.31 -3.14
N GLN C 85 -9.03 11.56 -3.56
CA GLN C 85 -7.69 12.20 -3.59
C GLN C 85 -7.36 12.71 -2.17
N MET C 86 -6.43 12.04 -1.49
CA MET C 86 -6.05 12.30 -0.08
C MET C 86 -4.75 13.11 -0.04
N ASN C 87 -4.75 14.23 0.68
CA ASN C 87 -3.61 15.20 0.76
C ASN C 87 -3.32 15.53 2.22
N ASN C 88 -2.10 16.02 2.51
CA ASN C 88 -1.64 16.47 3.85
C ASN C 88 -1.95 15.38 4.89
N LEU C 89 -1.67 14.12 4.55
CA LEU C 89 -2.00 12.92 5.37
C LEU C 89 -1.27 13.00 6.71
N LYS C 90 -1.88 12.45 7.76
CA LYS C 90 -1.29 12.35 9.13
C LYS C 90 -1.38 10.90 9.58
N PRO C 91 -0.56 10.46 10.57
CA PRO C 91 -0.51 9.05 11.00
C PRO C 91 -1.85 8.48 11.48
N GLU C 92 -2.86 9.33 11.72
CA GLU C 92 -4.25 8.92 12.05
C GLU C 92 -4.90 8.23 10.85
N ASP C 93 -4.57 8.67 9.63
CA ASP C 93 -5.18 8.20 8.36
C ASP C 93 -4.68 6.78 8.01
N THR C 94 -3.61 6.32 8.65
CA THR C 94 -3.05 4.95 8.48
C THR C 94 -4.11 3.92 8.88
N ALA C 95 -4.63 3.16 7.91
CA ALA C 95 -5.69 2.14 8.09
C ALA C 95 -6.00 1.46 6.74
N ILE C 96 -6.82 0.41 6.76
CA ILE C 96 -7.31 -0.31 5.55
C ILE C 96 -8.57 0.40 5.06
N TYR C 97 -8.48 1.08 3.90
CA TYR C 97 -9.57 1.87 3.28
C TYR C 97 -10.43 0.94 2.41
N TYR C 98 -11.67 0.70 2.85
CA TYR C 98 -12.68 -0.15 2.15
C TYR C 98 -13.62 0.73 1.33
N CYS C 99 -13.58 0.60 0.01
CA CYS C 99 -14.59 1.16 -0.93
C CYS C 99 -15.91 0.41 -0.73
N ALA C 100 -17.03 1.11 -0.76
CA ALA C 100 -18.40 0.54 -0.57
C ALA C 100 -19.43 1.34 -1.38
N ALA C 101 -20.59 0.71 -1.62
CA ALA C 101 -21.76 1.30 -2.32
C ALA C 101 -23.05 0.66 -1.79
N ASP C 102 -24.12 1.47 -1.65
CA ASP C 102 -25.42 1.05 -1.07
C ASP C 102 -26.38 0.64 -2.21
N PHE C 103 -27.47 -0.04 -1.86
CA PHE C 103 -28.57 -0.42 -2.78
C PHE C 103 -29.18 0.85 -3.39
N ALA C 104 -29.46 0.82 -4.70
CA ALA C 104 -30.01 1.95 -5.48
C ALA C 104 -31.23 2.55 -4.77
N HIS C 105 -31.42 3.86 -4.91
CA HIS C 105 -32.52 4.65 -4.28
C HIS C 105 -32.78 5.90 -5.14
N SER C 106 -34.02 6.41 -5.11
CA SER C 106 -34.45 7.60 -5.89
C SER C 106 -33.43 8.73 -5.66
N PHE C 107 -32.85 9.25 -6.74
CA PHE C 107 -31.76 10.27 -6.73
C PHE C 107 -32.16 11.50 -5.91
N LEU C 108 -33.47 11.72 -5.73
CA LEU C 108 -34.05 12.79 -4.89
C LEU C 108 -33.50 12.67 -3.45
N LEU C 109 -33.49 11.45 -2.90
CA LEU C 109 -32.98 11.15 -1.54
C LEU C 109 -31.52 11.57 -1.43
N SER C 110 -31.11 12.04 -0.24
CA SER C 110 -29.79 12.68 0.04
C SER C 110 -28.68 11.63 0.13
N VAL C 111 -27.42 12.07 -0.01
CA VAL C 111 -26.19 11.21 0.01
C VAL C 111 -26.06 10.51 1.36
N HIS C 112 -25.48 9.31 1.36
CA HIS C 112 -25.42 8.37 2.53
C HIS C 112 -24.01 8.33 3.12
N SER C 113 -23.90 7.90 4.38
CA SER C 113 -22.67 7.93 5.20
C SER C 113 -22.55 6.67 6.07
N GLY C 114 -23.58 6.36 6.85
CA GLY C 114 -23.60 5.27 7.85
C GLY C 114 -23.36 3.90 7.24
N ALA C 115 -22.43 3.13 7.84
CA ALA C 115 -21.97 1.80 7.37
C ALA C 115 -23.14 0.83 7.23
N GLY C 116 -24.17 0.97 8.08
CA GLY C 116 -25.40 0.16 8.05
C GLY C 116 -26.20 0.37 6.77
N GLN C 117 -26.13 1.57 6.18
CA GLN C 117 -26.86 1.96 4.95
C GLN C 117 -26.17 1.35 3.72
N TYR C 118 -24.84 1.22 3.76
CA TYR C 118 -24.01 0.65 2.66
C TYR C 118 -24.04 -0.88 2.75
N SER C 119 -24.08 -1.55 1.59
CA SER C 119 -24.33 -3.01 1.45
C SER C 119 -23.16 -3.70 0.72
N TYR C 120 -22.70 -3.14 -0.40
CA TYR C 120 -21.56 -3.68 -1.19
C TYR C 120 -20.25 -3.18 -0.58
N TRP C 121 -19.30 -4.10 -0.33
CA TRP C 121 -17.95 -3.83 0.23
C TRP C 121 -16.89 -4.42 -0.69
N GLY C 122 -15.66 -3.89 -0.63
CA GLY C 122 -14.48 -4.40 -1.36
C GLY C 122 -13.55 -5.17 -0.45
N GLN C 123 -12.48 -5.74 -1.02
CA GLN C 123 -11.43 -6.50 -0.27
C GLN C 123 -10.70 -5.55 0.69
N GLY C 124 -10.60 -4.27 0.33
CA GLY C 124 -9.94 -3.22 1.12
C GLY C 124 -8.56 -2.91 0.60
N THR C 125 -8.25 -1.62 0.38
CA THR C 125 -6.93 -1.12 -0.08
C THR C 125 -6.20 -0.50 1.12
N GLN C 126 -4.94 -0.90 1.33
CA GLN C 126 -4.09 -0.42 2.47
C GLN C 126 -3.52 0.96 2.13
N VAL C 127 -3.55 1.86 3.12
CA VAL C 127 -2.85 3.18 3.09
C VAL C 127 -2.17 3.35 4.46
N THR C 128 -0.87 3.65 4.44
CA THR C 128 -0.01 3.86 5.64
C THR C 128 0.86 5.10 5.43
N VAL C 129 0.97 5.96 6.45
CA VAL C 129 1.83 7.18 6.45
C VAL C 129 2.73 7.16 7.68
N SER C 130 3.92 7.75 7.58
CA SER C 130 5.00 7.70 8.61
C SER C 130 5.91 8.93 8.49
N SER C 131 6.89 9.05 9.40
CA SER C 131 7.91 10.13 9.45
C SER C 131 8.83 10.04 8.23
N GLN D 1 21.20 4.19 15.66
CA GLN D 1 21.17 3.16 14.59
C GLN D 1 20.55 3.78 13.32
N VAL D 2 20.83 3.16 12.17
CA VAL D 2 20.27 3.53 10.84
C VAL D 2 18.74 3.35 10.87
N GLN D 3 18.01 4.16 10.09
CA GLN D 3 16.55 4.05 9.89
C GLN D 3 16.24 3.98 8.38
N LEU D 4 15.79 2.83 7.91
CA LEU D 4 15.30 2.62 6.52
C LEU D 4 13.85 3.10 6.43
N GLU D 5 13.65 4.35 6.00
CA GLU D 5 12.30 4.93 5.75
C GLU D 5 11.90 4.61 4.30
N GLU D 6 10.82 3.87 4.11
CA GLU D 6 10.36 3.35 2.78
C GLU D 6 8.93 3.81 2.51
N SER D 7 8.58 3.93 1.23
CA SER D 7 7.30 4.50 0.73
C SER D 7 6.97 3.93 -0.65
N GLY D 8 5.76 4.23 -1.16
CA GLY D 8 5.25 3.76 -2.47
C GLY D 8 4.42 2.50 -2.33
N GLY D 9 4.38 1.68 -3.38
CA GLY D 9 3.59 0.43 -3.44
C GLY D 9 2.11 0.71 -3.58
N GLY D 10 1.27 -0.11 -2.93
CA GLY D 10 -0.19 0.04 -2.91
C GLY D 10 -0.89 -0.95 -3.81
N SER D 11 -2.21 -0.81 -3.95
CA SER D 11 -3.10 -1.69 -4.77
C SER D 11 -3.14 -1.18 -6.21
N VAL D 12 -3.29 -2.09 -7.18
CA VAL D 12 -3.39 -1.76 -8.64
C VAL D 12 -3.99 -2.96 -9.38
N GLN D 13 -4.50 -2.74 -10.59
CA GLN D 13 -4.97 -3.80 -11.52
C GLN D 13 -3.76 -4.59 -12.02
N ALA D 14 -3.98 -5.83 -12.49
CA ALA D 14 -2.93 -6.73 -13.04
C ALA D 14 -2.36 -6.12 -14.32
N GLY D 15 -1.09 -6.43 -14.62
CA GLY D 15 -0.34 -5.91 -15.79
C GLY D 15 -0.19 -4.39 -15.73
N GLY D 16 0.03 -3.85 -14.52
CA GLY D 16 0.13 -2.40 -14.26
C GLY D 16 1.52 -2.01 -13.82
N SER D 17 1.65 -0.87 -13.11
CA SER D 17 2.93 -0.29 -12.64
C SER D 17 2.78 0.21 -11.19
N LEU D 18 3.80 -0.03 -10.36
CA LEU D 18 3.87 0.42 -8.95
C LEU D 18 5.32 0.71 -8.57
N ARG D 19 5.62 1.96 -8.19
CA ARG D 19 6.93 2.42 -7.67
C ARG D 19 7.06 1.97 -6.21
N LEU D 20 8.26 1.57 -5.81
CA LEU D 20 8.64 1.31 -4.39
C LEU D 20 9.99 1.99 -4.12
N SER D 21 9.98 3.08 -3.33
CA SER D 21 11.19 3.87 -2.96
C SER D 21 11.56 3.58 -1.50
N CYS D 22 12.86 3.61 -1.19
CA CYS D 22 13.44 3.35 0.16
C CYS D 22 14.78 4.08 0.31
N ALA D 23 14.98 4.77 1.43
CA ALA D 23 16.18 5.57 1.74
C ALA D 23 16.70 5.22 3.15
N ALA D 24 18.03 5.21 3.30
CA ALA D 24 18.74 4.91 4.56
C ALA D 24 19.23 6.23 5.18
N SER D 25 18.67 6.61 6.33
CA SER D 25 19.02 7.84 7.08
C SER D 25 20.26 7.60 7.93
N GLY D 26 21.29 8.44 7.75
CA GLY D 26 22.53 8.45 8.56
C GLY D 26 23.28 7.13 8.52
N TYR D 27 23.34 6.49 7.35
CA TYR D 27 24.17 5.28 7.09
C TYR D 27 25.41 5.70 6.30
N MET D 28 26.50 5.97 7.02
CA MET D 28 27.76 6.54 6.48
C MET D 28 28.62 5.43 5.87
N TYR D 29 29.43 5.78 4.87
CA TYR D 29 30.35 4.87 4.13
C TYR D 29 31.73 4.92 4.78
N SER D 30 32.34 3.75 5.01
CA SER D 30 33.71 3.63 5.58
C SER D 30 34.74 4.09 4.54
N THR D 31 36.02 4.12 4.92
CA THR D 31 37.13 4.76 4.17
C THR D 31 37.24 4.19 2.75
N TYR D 32 36.98 2.89 2.56
CA TYR D 32 36.99 2.19 1.23
C TYR D 32 35.88 1.15 1.20
N SER D 33 34.62 1.56 1.41
CA SER D 33 33.46 0.64 1.58
C SER D 33 32.17 1.24 1.02
N THR D 34 31.17 0.37 0.83
CA THR D 34 29.76 0.69 0.45
C THR D 34 28.85 -0.39 1.03
N TYR D 35 27.54 -0.32 0.79
CA TYR D 35 26.54 -1.32 1.24
C TYR D 35 25.53 -1.58 0.12
N CYS D 36 24.90 -2.76 0.16
CA CYS D 36 23.86 -3.21 -0.80
C CYS D 36 22.47 -2.95 -0.20
N MET D 37 21.48 -2.70 -1.05
CA MET D 37 20.13 -2.24 -0.65
C MET D 37 19.10 -2.77 -1.66
N GLY D 38 17.99 -3.33 -1.17
CA GLY D 38 16.95 -3.93 -2.02
C GLY D 38 15.71 -4.34 -1.24
N TRP D 39 14.84 -5.16 -1.87
CA TRP D 39 13.52 -5.58 -1.34
C TRP D 39 13.43 -7.11 -1.26
N PHE D 40 12.78 -7.62 -0.21
CA PHE D 40 12.30 -9.02 -0.07
C PHE D 40 10.77 -8.99 0.04
N ARG D 41 10.08 -9.86 -0.68
CA ARG D 41 8.60 -10.02 -0.62
C ARG D 41 8.26 -11.27 0.21
N GLN D 42 7.06 -11.31 0.81
CA GLN D 42 6.53 -12.49 1.54
C GLN D 42 5.00 -12.46 1.49
N ALA D 43 4.41 -13.24 0.57
CA ALA D 43 2.94 -13.44 0.43
C ALA D 43 2.42 -14.21 1.65
N PRO D 44 1.12 -14.09 2.00
CA PRO D 44 0.57 -14.74 3.20
C PRO D 44 0.92 -16.23 3.35
N GLY D 45 1.01 -16.96 2.22
CA GLY D 45 1.30 -18.40 2.18
C GLY D 45 2.79 -18.69 2.04
N LYS D 46 3.43 -18.13 1.00
CA LYS D 46 4.83 -18.43 0.61
C LYS D 46 5.80 -17.90 1.66
N GLU D 47 7.04 -18.44 1.67
CA GLU D 47 8.13 -18.05 2.60
C GLU D 47 8.91 -16.88 2.00
N ARG D 48 9.59 -16.09 2.85
CA ARG D 48 10.34 -14.86 2.48
C ARG D 48 11.23 -15.12 1.26
N GLU D 49 11.23 -14.20 0.30
CA GLU D 49 11.94 -14.33 -1.01
C GLU D 49 12.47 -12.96 -1.44
N GLY D 50 13.74 -12.91 -1.89
CA GLY D 50 14.38 -11.68 -2.40
C GLY D 50 13.81 -11.28 -3.75
N VAL D 51 13.73 -9.97 -4.02
CA VAL D 51 13.18 -9.39 -5.27
C VAL D 51 14.32 -8.78 -6.09
N ALA D 52 14.80 -7.59 -5.71
CA ALA D 52 15.84 -6.82 -6.43
C ALA D 52 16.74 -6.12 -5.42
N PHE D 53 18.04 -6.04 -5.73
CA PHE D 53 19.11 -5.44 -4.87
C PHE D 53 20.08 -4.62 -5.74
N ILE D 54 20.66 -3.58 -5.17
CA ILE D 54 21.66 -2.69 -5.83
C ILE D 54 22.75 -2.32 -4.81
N LYS D 55 24.02 -2.36 -5.24
CA LYS D 55 25.20 -1.88 -4.46
C LYS D 55 25.35 -0.38 -4.72
N ARG D 56 25.28 0.43 -3.66
CA ARG D 56 25.18 1.92 -3.73
C ARG D 56 26.44 2.52 -4.36
N GLY D 57 27.58 1.84 -4.24
CA GLY D 57 28.90 2.35 -4.67
C GLY D 57 29.01 2.52 -6.17
N ASP D 58 28.71 1.47 -6.95
CA ASP D 58 28.99 1.38 -8.40
C ASP D 58 27.70 1.13 -9.21
N HIS D 59 26.53 1.21 -8.57
CA HIS D 59 25.20 1.04 -9.20
C HIS D 59 25.04 -0.38 -9.78
N SER D 60 25.75 -1.36 -9.24
CA SER D 60 25.69 -2.78 -9.68
C SER D 60 24.43 -3.43 -9.08
N THR D 61 23.55 -3.95 -9.93
CA THR D 61 22.21 -4.47 -9.57
C THR D 61 22.14 -6.00 -9.72
N TYR D 62 21.16 -6.62 -9.07
CA TYR D 62 20.81 -8.06 -9.20
C TYR D 62 19.31 -8.24 -8.91
N TYR D 63 18.64 -9.08 -9.71
CA TYR D 63 17.19 -9.40 -9.60
C TYR D 63 17.00 -10.90 -9.43
N THR D 64 15.88 -11.31 -8.84
CA THR D 64 15.38 -12.70 -8.81
C THR D 64 14.82 -13.03 -10.21
N ASP D 65 14.77 -14.32 -10.56
CA ASP D 65 14.30 -14.81 -11.89
C ASP D 65 12.86 -14.36 -12.12
N SER D 66 12.02 -14.44 -11.08
CA SER D 66 10.56 -14.15 -11.09
C SER D 66 10.26 -12.83 -11.82
N VAL D 67 10.90 -11.74 -11.40
CA VAL D 67 10.54 -10.34 -11.79
C VAL D 67 11.44 -9.85 -12.93
N LYS D 68 12.58 -10.51 -13.17
CA LYS D 68 13.65 -10.08 -14.11
C LYS D 68 13.04 -9.50 -15.39
N GLY D 69 13.50 -8.33 -15.83
CA GLY D 69 13.07 -7.64 -17.06
C GLY D 69 11.94 -6.65 -16.80
N ARG D 70 10.95 -7.04 -15.99
CA ARG D 70 9.75 -6.21 -15.69
C ARG D 70 10.12 -5.15 -14.65
N PHE D 71 10.67 -5.59 -13.51
CA PHE D 71 11.16 -4.74 -12.39
C PHE D 71 12.50 -4.12 -12.77
N THR D 72 12.78 -2.90 -12.29
CA THR D 72 14.06 -2.18 -12.49
C THR D 72 14.39 -1.38 -11.22
N ILE D 73 15.37 -1.84 -10.45
CA ILE D 73 15.93 -1.15 -9.25
C ILE D 73 17.03 -0.19 -9.72
N SER D 74 17.14 0.97 -9.07
CA SER D 74 18.16 2.01 -9.37
C SER D 74 18.16 3.06 -8.24
N GLN D 75 19.26 3.78 -8.08
CA GLN D 75 19.41 4.84 -7.05
C GLN D 75 19.33 6.22 -7.72
N ASP D 76 18.72 7.17 -7.04
CA ASP D 76 18.68 8.58 -7.51
C ASP D 76 19.88 9.20 -6.84
N SER D 77 20.99 9.33 -7.55
CA SER D 77 22.25 9.75 -6.90
C SER D 77 22.09 11.09 -6.18
N ALA D 78 21.50 12.07 -6.85
CA ALA D 78 21.34 13.42 -6.23
C ALA D 78 20.38 13.41 -5.04
N LYS D 79 19.24 12.71 -5.12
CA LYS D 79 18.26 12.73 -4.01
C LYS D 79 18.58 11.67 -2.97
N ASN D 80 19.56 10.83 -3.26
CA ASN D 80 20.01 9.75 -2.33
C ASN D 80 18.89 8.80 -1.95
N THR D 81 18.42 7.97 -2.89
CA THR D 81 17.41 6.95 -2.55
C THR D 81 17.41 5.84 -3.58
N VAL D 82 17.16 4.60 -3.17
CA VAL D 82 16.96 3.42 -4.06
C VAL D 82 15.44 3.27 -4.27
N SER D 83 15.01 2.98 -5.50
CA SER D 83 13.58 2.82 -5.87
C SER D 83 13.41 1.68 -6.89
N LEU D 84 12.56 0.70 -6.56
CA LEU D 84 12.26 -0.50 -7.38
C LEU D 84 11.00 -0.21 -8.22
N GLN D 85 11.19 0.15 -9.50
CA GLN D 85 10.10 0.44 -10.47
C GLN D 85 9.56 -0.91 -11.00
N MET D 86 8.35 -1.29 -10.58
CA MET D 86 7.73 -2.60 -10.90
C MET D 86 6.68 -2.40 -12.01
N ASN D 87 6.77 -3.18 -13.09
CA ASN D 87 5.92 -3.07 -14.31
C ASN D 87 5.36 -4.45 -14.67
N ASN D 88 4.27 -4.48 -15.44
CA ASN D 88 3.61 -5.71 -15.96
C ASN D 88 3.39 -6.70 -14.82
N LEU D 89 2.91 -6.20 -13.67
CA LEU D 89 2.73 -6.99 -12.41
C LEU D 89 1.74 -8.13 -12.66
N LYS D 90 1.93 -9.25 -11.94
CA LYS D 90 1.02 -10.43 -11.96
C LYS D 90 0.64 -10.76 -10.52
N PRO D 91 -0.48 -11.49 -10.30
CA PRO D 91 -0.96 -11.78 -8.94
C PRO D 91 0.04 -12.51 -8.03
N GLU D 92 1.13 -13.04 -8.59
CA GLU D 92 2.26 -13.65 -7.84
C GLU D 92 2.99 -12.58 -7.02
N ASP D 93 3.09 -11.36 -7.57
CA ASP D 93 3.85 -10.22 -6.97
C ASP D 93 3.13 -9.66 -5.74
N THR D 94 1.86 -9.99 -5.55
CA THR D 94 1.05 -9.60 -4.36
C THR D 94 1.71 -10.16 -3.10
N ALA D 95 2.25 -9.27 -2.25
CA ALA D 95 2.97 -9.61 -0.99
C ALA D 95 3.42 -8.32 -0.29
N ILE D 96 3.93 -8.46 0.94
CA ILE D 96 4.51 -7.33 1.74
C ILE D 96 6.00 -7.20 1.37
N TYR D 97 6.35 -6.11 0.67
CA TYR D 97 7.72 -5.83 0.16
C TYR D 97 8.51 -5.10 1.26
N TYR D 98 9.51 -5.79 1.82
CA TYR D 98 10.42 -5.28 2.89
C TYR D 98 11.72 -4.76 2.25
N CYS D 99 11.96 -3.46 2.34
CA CYS D 99 13.28 -2.84 2.03
C CYS D 99 14.28 -3.27 3.10
N ALA D 100 15.53 -3.56 2.70
CA ALA D 100 16.62 -3.99 3.61
C ALA D 100 17.98 -3.52 3.08
N ALA D 101 18.98 -3.51 3.96
CA ALA D 101 20.39 -3.15 3.66
C ALA D 101 21.31 -3.92 4.62
N ASP D 102 22.47 -4.36 4.12
CA ASP D 102 23.46 -5.18 4.87
C ASP D 102 24.53 -4.27 5.48
N PHE D 103 25.31 -4.80 6.43
CA PHE D 103 26.47 -4.13 7.05
C PHE D 103 27.50 -3.79 5.97
N ALA D 104 28.09 -2.58 6.04
CA ALA D 104 29.07 -2.05 5.07
C ALA D 104 30.18 -3.08 4.82
N HIS D 105 30.70 -3.10 3.59
CA HIS D 105 31.77 -4.03 3.13
C HIS D 105 32.53 -3.37 1.97
N SER D 106 33.81 -3.72 1.80
CA SER D 106 34.69 -3.18 0.74
C SER D 106 33.96 -3.26 -0.61
N PHE D 107 33.80 -2.12 -1.28
CA PHE D 107 33.02 -1.96 -2.55
C PHE D 107 33.50 -2.95 -3.61
N LEU D 108 34.74 -3.45 -3.48
CA LEU D 108 35.33 -4.50 -4.36
C LEU D 108 34.45 -5.75 -4.35
N LEU D 109 34.00 -6.17 -3.16
CA LEU D 109 33.12 -7.35 -2.96
C LEU D 109 31.81 -7.16 -3.75
N SER D 110 31.25 -8.25 -4.27
CA SER D 110 30.10 -8.26 -5.22
C SER D 110 28.78 -8.01 -4.48
N VAL D 111 27.72 -7.64 -5.24
CA VAL D 111 26.36 -7.29 -4.74
C VAL D 111 25.74 -8.52 -4.05
N HIS D 112 24.90 -8.29 -3.04
CA HIS D 112 24.34 -9.31 -2.12
C HIS D 112 22.85 -9.55 -2.42
N SER D 113 22.33 -10.71 -2.01
CA SER D 113 20.97 -11.21 -2.33
C SER D 113 20.34 -11.92 -1.12
N GLY D 114 21.05 -12.90 -0.54
CA GLY D 114 20.57 -13.78 0.54
C GLY D 114 20.16 -13.02 1.79
N ALA D 115 18.97 -13.32 2.32
CA ALA D 115 18.34 -12.63 3.48
C ALA D 115 19.25 -12.70 4.71
N GLY D 116 20.03 -13.77 4.84
CA GLY D 116 21.01 -13.95 5.93
C GLY D 116 22.11 -12.91 5.90
N GLN D 117 22.48 -12.44 4.70
CA GLN D 117 23.56 -11.44 4.49
C GLN D 117 23.07 -10.04 4.87
N TYR D 118 21.77 -9.75 4.67
CA TYR D 118 21.13 -8.45 4.99
C TYR D 118 20.77 -8.42 6.49
N SER D 119 20.95 -7.24 7.12
CA SER D 119 20.86 -7.04 8.59
C SER D 119 19.77 -6.01 8.94
N TYR D 120 19.74 -4.86 8.26
CA TYR D 120 18.74 -3.78 8.48
C TYR D 120 17.47 -4.11 7.67
N TRP D 121 16.30 -4.06 8.33
CA TRP D 121 14.97 -4.32 7.73
C TRP D 121 14.04 -3.13 8.01
N GLY D 122 12.99 -2.98 7.20
CA GLY D 122 11.95 -1.94 7.36
C GLY D 122 10.66 -2.53 7.90
N GLN D 123 9.66 -1.68 8.16
CA GLN D 123 8.30 -2.09 8.65
C GLN D 123 7.61 -2.93 7.57
N GLY D 124 7.92 -2.68 6.30
CA GLY D 124 7.37 -3.40 5.13
C GLY D 124 6.27 -2.59 4.46
N THR D 125 6.34 -2.42 3.15
CA THR D 125 5.33 -1.70 2.30
C THR D 125 4.51 -2.74 1.54
N GLN D 126 3.18 -2.63 1.60
CA GLN D 126 2.22 -3.57 0.97
C GLN D 126 2.10 -3.24 -0.53
N VAL D 127 2.12 -4.28 -1.37
CA VAL D 127 1.78 -4.20 -2.82
C VAL D 127 0.83 -5.38 -3.14
N THR D 128 -0.31 -5.08 -3.75
CA THR D 128 -1.35 -6.07 -4.14
C THR D 128 -1.82 -5.76 -5.57
N VAL D 129 -1.98 -6.79 -6.40
CA VAL D 129 -2.50 -6.68 -7.79
C VAL D 129 -3.66 -7.67 -7.97
N SER D 130 -4.62 -7.32 -8.85
CA SER D 130 -5.90 -8.05 -9.04
C SER D 130 -6.45 -7.80 -10.45
N SER D 131 -7.59 -8.41 -10.79
CA SER D 131 -8.31 -8.24 -12.07
C SER D 131 -8.85 -6.81 -12.20
#